data_4B7U
#
_entry.id   4B7U
#
_cell.length_a   155.290
_cell.length_b   154.779
_cell.length_c   58.906
_cell.angle_alpha   90.00
_cell.angle_beta   90.00
_cell.angle_gamma   90.00
#
_symmetry.space_group_name_H-M   'P 21 21 2'
#
loop_
_entity.id
_entity.type
_entity.pdbx_description
1 polymer 'L-LACTATE DEHYDROGENASE'
2 non-polymer 'CALCIUM ION'
3 non-polymer BICINE
4 non-polymer (4S)-2-METHYL-2,4-PENTANEDIOL
5 non-polymer 1,2-ETHANEDIOL
6 water water
#
_entity_poly.entity_id   1
_entity_poly.type   'polypeptide(L)'
_entity_poly.pdbx_seq_one_letter_code
;MAPKAKIVLVGSGMIGGVMATLIVQKNLGDVVLFDIVKNMPHGKALDTSHTNVMAYSNCKVSGSNTYDDLAGADVVIVTA
GFTKAPGKSDKEWNRDDLLPLNNKIMIEIGGHIKKNCPNAFIIVVTNPVDVMVQLLHQHSGVPKNKIIGLGGVLDTSRLK
YYISQKLNVCPRDVNAHIVGAHGNKMVLLKRYITVGGIPLQEFINNKLISDAELEAIFDRTVNTALEIVNLHASPYVAPA
AAIIEMAESYLKDLKKVLICSTLLEGQYGHSDIFGGTPVVLGANGVEQVIELQLNSEEKAKFDEAIAETKRMKALAHHHH
HH
;
_entity_poly.pdbx_strand_id   A,B,C,D
#
# COMPACT_ATOMS: atom_id res chain seq x y z
N ALA A 2 -6.46 18.86 -0.89
CA ALA A 2 -6.32 19.94 0.13
C ALA A 2 -7.58 20.79 0.15
N PRO A 3 -8.57 20.42 1.00
CA PRO A 3 -8.66 19.31 1.93
C PRO A 3 -9.05 17.97 1.26
N LYS A 4 -9.35 16.97 2.08
CA LYS A 4 -9.69 15.66 1.57
C LYS A 4 -11.03 15.69 0.83
N ALA A 5 -11.18 14.77 -0.12
CA ALA A 5 -12.46 14.57 -0.78
C ALA A 5 -13.51 14.18 0.24
N LYS A 6 -14.76 14.55 -0.03
CA LYS A 6 -15.89 14.13 0.79
C LYS A 6 -16.66 13.11 -0.02
N ILE A 7 -16.81 11.92 0.55
CA ILE A 7 -17.50 10.82 -0.12
C ILE A 7 -18.77 10.49 0.66
N VAL A 8 -19.92 10.67 0.03
CA VAL A 8 -21.20 10.39 0.69
C VAL A 8 -21.80 9.09 0.15
N LEU A 9 -22.01 8.15 1.06
CA LEU A 9 -22.58 6.86 0.73
C LEU A 9 -24.08 6.95 1.00
N VAL A 10 -24.85 7.06 -0.07
CA VAL A 10 -26.30 7.14 0.02
C VAL A 10 -26.83 5.72 0.08
N GLY A 11 -27.06 5.25 1.30
CA GLY A 11 -27.28 3.84 1.56
C GLY A 11 -26.12 3.34 2.41
N SER A 12 -26.43 2.92 3.64
CA SER A 12 -25.42 2.45 4.60
C SER A 12 -25.67 0.99 5.00
N GLY A 13 -26.00 0.16 4.01
CA GLY A 13 -26.18 -1.27 4.22
C GLY A 13 -24.87 -2.02 4.17
N MET A 14 -24.91 -3.29 3.73
CA MET A 14 -23.71 -4.13 3.72
C MET A 14 -22.65 -3.60 2.75
N ILE A 15 -23.05 -3.16 1.56
CA ILE A 15 -22.09 -2.60 0.59
C ILE A 15 -21.51 -1.29 1.14
N GLY A 16 -22.37 -0.42 1.65
CA GLY A 16 -21.94 0.83 2.31
C GLY A 16 -20.89 0.64 3.39
N GLY A 17 -21.13 -0.32 4.25
CA GLY A 17 -20.20 -0.64 5.30
C GLY A 17 -18.81 -1.05 4.77
N VAL A 18 -18.77 -1.94 3.78
CA VAL A 18 -17.49 -2.34 3.20
C VAL A 18 -16.79 -1.16 2.53
N MET A 19 -17.55 -0.39 1.77
CA MET A 19 -17.00 0.81 1.17
C MET A 19 -16.32 1.75 2.18
N ALA A 20 -17.00 2.05 3.26
CA ALA A 20 -16.45 2.92 4.31
C ALA A 20 -15.13 2.34 4.85
N THR A 21 -15.11 1.05 5.10
CA THR A 21 -13.91 0.35 5.58
C THR A 21 -12.75 0.53 4.60
N LEU A 22 -13.01 0.27 3.32
CA LEU A 22 -11.97 0.36 2.30
C LEU A 22 -11.49 1.80 2.08
N ILE A 23 -12.41 2.75 2.18
CA ILE A 23 -12.06 4.18 2.06
C ILE A 23 -11.05 4.56 3.15
N VAL A 24 -11.28 4.13 4.40
CA VAL A 24 -10.33 4.42 5.48
C VAL A 24 -8.99 3.68 5.26
N GLN A 25 -9.05 2.42 4.85
CA GLN A 25 -7.83 1.65 4.57
C GLN A 25 -6.95 2.36 3.56
N LYS A 26 -7.56 2.94 2.53
CA LYS A 26 -6.84 3.63 1.45
C LYS A 26 -6.69 5.14 1.66
N ASN A 27 -7.14 5.64 2.82
CA ASN A 27 -7.12 7.08 3.14
C ASN A 27 -7.68 7.95 1.98
N LEU A 28 -8.76 7.48 1.36
N LEU A 28 -8.78 7.49 1.40
CA LEU A 28 -9.28 8.13 0.14
CA LEU A 28 -9.29 8.07 0.15
C LEU A 28 -10.04 9.42 0.38
C LEU A 28 -10.14 9.33 0.34
N GLY A 29 -10.71 9.53 1.51
CA GLY A 29 -11.49 10.72 1.79
C GLY A 29 -12.31 10.61 3.06
N ASP A 30 -12.91 11.73 3.46
CA ASP A 30 -13.87 11.72 4.52
C ASP A 30 -15.14 11.02 4.04
N VAL A 31 -15.79 10.29 4.93
CA VAL A 31 -16.95 9.48 4.59
C VAL A 31 -18.22 9.87 5.35
N VAL A 32 -19.33 9.91 4.63
CA VAL A 32 -20.60 10.03 5.27
C VAL A 32 -21.45 8.82 4.94
N LEU A 33 -21.84 8.11 5.98
CA LEU A 33 -22.77 6.98 5.85
C LEU A 33 -24.17 7.54 6.05
N PHE A 34 -24.87 7.72 4.95
CA PHE A 34 -26.23 8.27 4.98
C PHE A 34 -27.25 7.15 4.83
N ASP A 35 -28.30 7.20 5.65
CA ASP A 35 -29.40 6.26 5.53
C ASP A 35 -30.67 6.83 6.17
N ILE A 36 -31.80 6.31 5.74
CA ILE A 36 -33.09 6.63 6.35
C ILE A 36 -33.22 5.94 7.73
N VAL A 37 -32.61 4.77 7.87
CA VAL A 37 -32.61 4.05 9.13
C VAL A 37 -31.92 4.90 10.20
N LYS A 38 -32.60 5.07 11.34
CA LYS A 38 -32.06 5.83 12.47
C LYS A 38 -30.95 5.05 13.17
N ASN A 39 -29.97 5.78 13.70
CA ASN A 39 -28.95 5.23 14.59
C ASN A 39 -27.88 4.35 13.94
N MET A 40 -28.33 3.41 13.11
CA MET A 40 -27.42 2.45 12.48
C MET A 40 -26.23 3.10 11.74
N PRO A 41 -26.47 4.15 10.91
CA PRO A 41 -25.30 4.73 10.23
C PRO A 41 -24.30 5.38 11.19
N HIS A 42 -24.77 5.92 12.30
CA HIS A 42 -23.88 6.50 13.30
C HIS A 42 -23.05 5.42 14.00
N GLY A 43 -23.67 4.28 14.26
CA GLY A 43 -22.97 3.15 14.88
C GLY A 43 -21.92 2.55 13.97
N LYS A 44 -22.27 2.34 12.70
CA LYS A 44 -21.31 1.88 11.70
C LYS A 44 -20.16 2.87 11.52
N ALA A 45 -20.50 4.16 11.47
CA ALA A 45 -19.50 5.22 11.29
C ALA A 45 -18.51 5.24 12.46
N LEU A 46 -19.03 5.10 13.67
CA LEU A 46 -18.20 5.09 14.87
C LEU A 46 -17.24 3.90 14.86
N ASP A 47 -17.78 2.71 14.62
CA ASP A 47 -16.98 1.48 14.53
C ASP A 47 -15.84 1.65 13.49
N THR A 48 -16.20 2.09 12.29
CA THR A 48 -15.23 2.27 11.21
C THR A 48 -14.20 3.36 11.52
N SER A 49 -14.62 4.45 12.19
CA SER A 49 -13.71 5.57 12.47
C SER A 49 -12.49 5.12 13.28
N HIS A 50 -12.67 4.17 14.18
CA HIS A 50 -11.56 3.68 15.01
C HIS A 50 -10.44 3.06 14.16
N THR A 51 -10.78 2.53 12.98
CA THR A 51 -9.78 1.89 12.12
C THR A 51 -8.74 2.86 11.54
N ASN A 52 -8.99 4.17 11.61
CA ASN A 52 -7.95 5.14 11.24
C ASN A 52 -6.63 4.85 11.98
N VAL A 53 -6.72 4.46 13.25
CA VAL A 53 -5.54 4.14 14.05
C VAL A 53 -4.77 2.95 13.44
N MET A 54 -5.47 1.86 13.17
CA MET A 54 -4.84 0.65 12.61
C MET A 54 -4.29 0.90 11.21
N ALA A 55 -4.94 1.78 10.45
CA ALA A 55 -4.62 2.01 9.04
C ALA A 55 -3.59 3.13 8.78
N TYR A 56 -3.24 3.87 9.83
N TYR A 56 -3.24 3.91 9.81
CA TYR A 56 -2.43 5.11 9.76
CA TYR A 56 -2.36 5.07 9.64
C TYR A 56 -3.05 6.13 8.80
C TYR A 56 -3.03 6.17 8.82
N SER A 57 -4.37 6.24 8.87
CA SER A 57 -5.15 7.15 8.02
C SER A 57 -5.73 8.27 8.87
N ASN A 58 -6.32 9.26 8.19
CA ASN A 58 -7.03 10.33 8.87
C ASN A 58 -8.27 10.73 8.07
N CYS A 59 -9.21 9.82 7.98
CA CYS A 59 -10.49 10.07 7.30
C CYS A 59 -11.60 10.15 8.34
N LYS A 60 -12.33 11.26 8.37
CA LYS A 60 -13.51 11.34 9.23
C LYS A 60 -14.56 10.40 8.68
N VAL A 61 -15.25 9.69 9.57
CA VAL A 61 -16.39 8.85 9.20
C VAL A 61 -17.58 9.21 10.07
N SER A 62 -18.66 9.69 9.46
CA SER A 62 -19.83 10.10 10.21
C SER A 62 -21.10 9.50 9.61
N GLY A 63 -22.11 9.37 10.48
CA GLY A 63 -23.42 8.92 10.06
C GLY A 63 -24.30 10.11 9.78
N SER A 64 -25.32 9.90 8.98
CA SER A 64 -26.26 10.92 8.63
C SER A 64 -27.65 10.41 8.32
N ASN A 65 -28.66 11.14 8.76
CA ASN A 65 -29.99 10.94 8.27
C ASN A 65 -30.56 12.12 7.49
N THR A 66 -29.73 13.02 7.01
CA THR A 66 -30.18 14.14 6.24
C THR A 66 -29.49 14.36 4.89
N TYR A 67 -30.26 14.67 3.88
CA TYR A 67 -29.70 14.98 2.57
C TYR A 67 -28.84 16.26 2.58
N ASP A 68 -28.94 17.06 3.66
CA ASP A 68 -28.08 18.24 3.82
C ASP A 68 -26.60 17.86 3.77
N ASP A 69 -26.26 16.64 4.16
CA ASP A 69 -24.86 16.23 4.17
C ASP A 69 -24.29 15.97 2.77
N LEU A 70 -25.15 15.99 1.74
CA LEU A 70 -24.69 16.00 0.34
C LEU A 70 -23.93 17.28 -0.03
N ALA A 71 -24.16 18.36 0.73
CA ALA A 71 -23.48 19.62 0.45
C ALA A 71 -21.97 19.40 0.58
N GLY A 72 -21.23 19.77 -0.45
CA GLY A 72 -19.78 19.63 -0.48
C GLY A 72 -19.26 18.27 -0.90
N ALA A 73 -20.17 17.36 -1.26
CA ALA A 73 -19.79 16.01 -1.68
C ALA A 73 -19.01 16.05 -2.99
N ASP A 74 -17.90 15.29 -3.01
CA ASP A 74 -17.11 15.13 -4.23
C ASP A 74 -17.49 13.87 -5.00
N VAL A 75 -17.82 12.83 -4.23
CA VAL A 75 -18.29 11.56 -4.78
C VAL A 75 -19.53 11.17 -4.02
N VAL A 76 -20.55 10.74 -4.75
CA VAL A 76 -21.79 10.23 -4.15
C VAL A 76 -22.04 8.83 -4.69
N ILE A 77 -22.14 7.86 -3.79
CA ILE A 77 -22.33 6.45 -4.18
C ILE A 77 -23.71 6.00 -3.71
N VAL A 78 -24.57 5.66 -4.66
CA VAL A 78 -25.97 5.34 -4.37
C VAL A 78 -26.22 3.83 -4.39
N THR A 79 -26.37 3.25 -3.21
CA THR A 79 -26.75 1.83 -3.07
C THR A 79 -28.19 1.67 -2.59
N ALA A 80 -28.84 2.79 -2.27
CA ALA A 80 -30.20 2.77 -1.74
C ALA A 80 -31.19 2.27 -2.79
N GLY A 81 -32.22 1.58 -2.32
CA GLY A 81 -33.29 1.10 -3.19
C GLY A 81 -33.94 -0.16 -2.65
N PHE A 82 -35.13 -0.47 -3.15
CA PHE A 82 -35.80 -1.72 -2.78
C PHE A 82 -35.11 -2.90 -3.44
N THR A 83 -34.87 -3.94 -2.65
CA THR A 83 -34.42 -5.24 -3.17
C THR A 83 -35.53 -6.29 -3.10
N LYS A 84 -36.60 -5.99 -2.38
CA LYS A 84 -37.83 -6.80 -2.41
C LYS A 84 -39.04 -5.89 -2.26
N ALA A 85 -40.22 -6.39 -2.63
CA ALA A 85 -41.46 -5.64 -2.48
C ALA A 85 -41.86 -5.62 -1.00
N PRO A 86 -42.07 -4.42 -0.42
CA PRO A 86 -42.34 -4.33 1.01
C PRO A 86 -43.60 -5.09 1.44
N GLY A 87 -43.43 -5.97 2.43
CA GLY A 87 -44.53 -6.72 3.01
C GLY A 87 -45.03 -7.88 2.17
N LYS A 88 -44.38 -8.15 1.05
CA LYS A 88 -44.84 -9.21 0.16
C LYS A 88 -44.07 -10.48 0.46
N SER A 89 -44.71 -11.62 0.23
CA SER A 89 -44.01 -12.88 0.36
C SER A 89 -43.17 -13.05 -0.90
N ASP A 90 -41.82 -14.55 -1.01
CA ASP A 90 -41.01 -14.38 -2.20
C ASP A 90 -41.79 -14.67 -3.48
N LYS A 91 -42.99 -15.24 -3.36
CA LYS A 91 -43.71 -15.79 -4.51
C LYS A 91 -44.64 -14.82 -5.25
N GLU A 92 -44.87 -13.61 -4.73
CA GLU A 92 -45.88 -12.70 -5.30
C GLU A 92 -45.33 -11.38 -5.84
N TRP A 93 -44.00 -11.26 -5.90
CA TRP A 93 -43.34 -10.16 -6.60
C TRP A 93 -42.24 -10.69 -7.52
N ASN A 94 -42.00 -9.99 -8.63
CA ASN A 94 -40.83 -10.23 -9.45
C ASN A 94 -40.00 -8.95 -9.58
N ARG A 95 -38.81 -9.10 -10.14
CA ARG A 95 -37.87 -7.98 -10.29
C ARG A 95 -38.49 -6.74 -10.94
N ASP A 96 -39.30 -6.94 -11.97
CA ASP A 96 -39.93 -5.83 -12.69
C ASP A 96 -40.80 -4.95 -11.77
N ASP A 97 -41.36 -5.53 -10.70
CA ASP A 97 -42.22 -4.77 -9.78
C ASP A 97 -41.47 -3.70 -9.01
N LEU A 98 -40.18 -3.92 -8.82
CA LEU A 98 -39.36 -2.95 -8.08
C LEU A 98 -39.03 -1.71 -8.90
N LEU A 99 -39.19 -1.78 -10.23
CA LEU A 99 -38.79 -0.69 -11.11
C LEU A 99 -39.45 0.66 -10.82
N PRO A 100 -40.80 0.71 -10.74
CA PRO A 100 -41.40 2.01 -10.48
C PRO A 100 -41.19 2.50 -9.04
N LEU A 101 -40.96 1.57 -8.11
CA LEU A 101 -40.66 1.95 -6.73
C LEU A 101 -39.29 2.62 -6.67
N ASN A 102 -38.30 1.99 -7.28
CA ASN A 102 -36.94 2.56 -7.31
C ASN A 102 -36.82 3.81 -8.18
N ASN A 103 -37.69 3.95 -9.18
CA ASN A 103 -37.79 5.21 -9.92
C ASN A 103 -38.08 6.37 -8.96
N LYS A 104 -39.02 6.15 -8.04
CA LYS A 104 -39.41 7.20 -7.09
C LYS A 104 -38.25 7.55 -6.15
N ILE A 105 -37.48 6.54 -5.76
CA ILE A 105 -36.26 6.75 -4.99
C ILE A 105 -35.24 7.57 -5.80
N MET A 106 -35.07 7.28 -7.09
CA MET A 106 -34.13 8.04 -7.91
C MET A 106 -34.60 9.49 -8.09
N ILE A 107 -35.93 9.70 -8.13
CA ILE A 107 -36.48 11.06 -8.23
C ILE A 107 -36.12 11.84 -6.97
N GLU A 108 -36.28 11.21 -5.80
CA GLU A 108 -35.99 11.88 -4.54
C GLU A 108 -34.50 12.19 -4.40
N ILE A 109 -33.66 11.18 -4.59
CA ILE A 109 -32.22 11.34 -4.46
C ILE A 109 -31.69 12.33 -5.52
N GLY A 110 -32.18 12.21 -6.75
CA GLY A 110 -31.79 13.12 -7.82
C GLY A 110 -32.08 14.58 -7.51
N GLY A 111 -33.27 14.86 -7.01
CA GLY A 111 -33.65 16.21 -6.58
C GLY A 111 -32.70 16.79 -5.54
N HIS A 112 -32.30 15.98 -4.56
CA HIS A 112 -31.37 16.45 -3.51
C HIS A 112 -29.93 16.59 -4.02
N ILE A 113 -29.52 15.74 -4.95
CA ILE A 113 -28.23 15.94 -5.64
C ILE A 113 -28.23 17.25 -6.44
N LYS A 114 -29.30 17.51 -7.19
CA LYS A 114 -29.41 18.73 -7.96
C LYS A 114 -29.31 19.95 -7.05
N LYS A 115 -30.00 19.89 -5.91
CA LYS A 115 -29.97 21.01 -4.98
C LYS A 115 -28.65 21.17 -4.23
N ASN A 116 -28.04 20.06 -3.82
CA ASN A 116 -26.91 20.09 -2.88
C ASN A 116 -25.50 19.87 -3.47
N CYS A 117 -25.40 19.10 -4.53
CA CYS A 117 -24.11 18.79 -5.13
C CYS A 117 -24.25 18.48 -6.62
N PRO A 118 -24.68 19.48 -7.40
CA PRO A 118 -25.00 19.30 -8.81
C PRO A 118 -23.84 18.84 -9.70
N ASN A 119 -22.60 18.98 -9.24
CA ASN A 119 -21.45 18.58 -10.04
C ASN A 119 -20.59 17.49 -9.39
N ALA A 120 -21.13 16.79 -8.40
CA ALA A 120 -20.42 15.68 -7.79
C ALA A 120 -20.33 14.51 -8.77
N PHE A 121 -19.34 13.66 -8.56
CA PHE A 121 -19.18 12.44 -9.33
C PHE A 121 -20.08 11.37 -8.69
N ILE A 122 -21.06 10.88 -9.45
CA ILE A 122 -22.08 9.99 -8.91
C ILE A 122 -21.85 8.56 -9.43
N ILE A 123 -21.84 7.58 -8.52
CA ILE A 123 -21.77 6.17 -8.93
C ILE A 123 -23.05 5.50 -8.44
N VAL A 124 -23.80 4.93 -9.38
CA VAL A 124 -25.09 4.30 -9.06
C VAL A 124 -24.94 2.78 -9.03
N VAL A 125 -25.44 2.19 -7.94
CA VAL A 125 -25.37 0.76 -7.73
C VAL A 125 -26.75 0.11 -7.70
N THR A 126 -27.78 0.90 -7.38
CA THR A 126 -29.17 0.46 -7.39
C THR A 126 -29.50 -0.38 -8.63
N ASN A 127 -29.99 -1.59 -8.43
CA ASN A 127 -30.29 -2.51 -9.53
C ASN A 127 -31.71 -2.28 -10.09
N PRO A 128 -31.91 -2.49 -11.40
CA PRO A 128 -30.90 -2.78 -12.42
C PRO A 128 -30.16 -1.51 -12.79
N VAL A 129 -28.83 -1.57 -12.71
CA VAL A 129 -28.01 -0.35 -12.72
C VAL A 129 -28.22 0.53 -13.96
N ASP A 130 -28.25 -0.09 -15.13
CA ASP A 130 -28.24 0.68 -16.37
C ASP A 130 -29.52 1.49 -16.54
N VAL A 131 -30.61 1.01 -15.97
CA VAL A 131 -31.85 1.78 -15.88
C VAL A 131 -31.73 2.89 -14.83
N MET A 132 -31.39 2.49 -13.62
CA MET A 132 -31.42 3.41 -12.47
C MET A 132 -30.42 4.56 -12.60
N VAL A 133 -29.25 4.29 -13.17
CA VAL A 133 -28.27 5.36 -13.39
C VAL A 133 -28.84 6.42 -14.35
N GLN A 134 -29.55 6.00 -15.40
CA GLN A 134 -30.15 6.97 -16.32
C GLN A 134 -31.26 7.76 -15.65
N LEU A 135 -32.12 7.08 -14.89
CA LEU A 135 -33.18 7.76 -14.16
C LEU A 135 -32.60 8.82 -13.23
N LEU A 136 -31.54 8.47 -12.50
CA LEU A 136 -30.91 9.45 -11.61
C LEU A 136 -30.31 10.60 -12.40
N HIS A 137 -29.72 10.29 -13.55
CA HIS A 137 -29.16 11.31 -14.44
C HIS A 137 -30.26 12.32 -14.83
N GLN A 138 -31.39 11.79 -15.26
CA GLN A 138 -32.53 12.62 -15.69
C GLN A 138 -33.11 13.45 -14.55
N HIS A 139 -33.19 12.89 -13.35
CA HIS A 139 -33.80 13.58 -12.20
C HIS A 139 -32.84 14.48 -11.43
N SER A 140 -31.53 14.36 -11.70
CA SER A 140 -30.52 15.14 -10.99
C SER A 140 -29.92 16.26 -11.85
N GLY A 141 -29.90 16.05 -13.17
CA GLY A 141 -29.29 17.01 -14.09
C GLY A 141 -27.77 17.06 -14.06
N VAL A 142 -27.13 16.08 -13.42
N VAL A 142 -27.12 16.10 -13.40
CA VAL A 142 -25.67 16.00 -13.36
CA VAL A 142 -25.66 16.08 -13.35
C VAL A 142 -25.12 15.83 -14.78
C VAL A 142 -25.13 15.87 -14.78
N PRO A 143 -23.98 16.47 -15.11
CA PRO A 143 -23.42 16.27 -16.44
C PRO A 143 -23.09 14.82 -16.74
N LYS A 144 -23.21 14.43 -18.01
CA LYS A 144 -23.00 13.05 -18.44
C LYS A 144 -21.60 12.50 -18.10
N ASN A 145 -20.59 13.35 -17.97
CA ASN A 145 -19.25 12.88 -17.62
C ASN A 145 -19.08 12.64 -16.12
N LYS A 146 -20.11 12.95 -15.34
CA LYS A 146 -20.04 12.89 -13.88
C LYS A 146 -20.99 11.86 -13.27
N ILE A 147 -21.58 10.99 -14.09
CA ILE A 147 -22.47 9.96 -13.55
C ILE A 147 -22.30 8.64 -14.31
N ILE A 148 -22.02 7.59 -13.54
CA ILE A 148 -21.79 6.26 -14.09
C ILE A 148 -22.45 5.21 -13.19
N GLY A 149 -22.59 4.01 -13.73
CA GLY A 149 -23.16 2.91 -12.99
C GLY A 149 -22.17 1.76 -12.85
N LEU A 150 -22.26 1.07 -11.73
CA LEU A 150 -21.48 -0.14 -11.50
C LEU A 150 -21.93 -1.24 -12.46
N GLY A 151 -20.98 -1.99 -12.99
CA GLY A 151 -21.32 -3.21 -13.72
C GLY A 151 -20.10 -4.02 -14.05
N GLY A 152 -19.42 -3.59 -15.11
CA GLY A 152 -18.31 -4.33 -15.69
C GLY A 152 -17.15 -4.64 -14.76
N VAL A 153 -16.79 -3.72 -13.89
CA VAL A 153 -15.67 -3.99 -12.96
C VAL A 153 -16.01 -5.19 -12.06
N LEU A 154 -17.26 -5.25 -11.59
CA LEU A 154 -17.70 -6.34 -10.74
C LEU A 154 -17.84 -7.64 -11.52
N ASP A 155 -18.59 -7.59 -12.62
CA ASP A 155 -18.82 -8.79 -13.42
C ASP A 155 -17.52 -9.38 -13.96
N THR A 156 -16.61 -8.54 -14.45
CA THR A 156 -15.34 -9.05 -14.95
C THR A 156 -14.44 -9.61 -13.83
N SER A 157 -14.58 -9.11 -12.60
CA SER A 157 -13.75 -9.62 -11.49
C SER A 157 -14.04 -11.11 -11.30
N ARG A 158 -15.32 -11.50 -11.44
CA ARG A 158 -15.70 -12.92 -11.38
C ARG A 158 -15.04 -13.73 -12.49
N LEU A 159 -15.17 -13.25 -13.72
CA LEU A 159 -14.66 -13.97 -14.90
C LEU A 159 -13.14 -14.05 -14.85
N LYS A 160 -12.50 -12.92 -14.54
CA LYS A 160 -11.06 -12.88 -14.39
C LYS A 160 -10.61 -13.85 -13.30
N TYR A 161 -11.28 -13.83 -12.16
CA TYR A 161 -10.89 -14.71 -11.07
C TYR A 161 -11.02 -16.20 -11.42
N TYR A 162 -12.19 -16.61 -11.94
CA TYR A 162 -12.41 -18.03 -12.27
C TYR A 162 -11.40 -18.54 -13.30
N ILE A 163 -11.13 -17.75 -14.33
CA ILE A 163 -10.12 -18.12 -15.32
C ILE A 163 -8.73 -18.23 -14.69
N SER A 164 -8.39 -17.29 -13.82
CA SER A 164 -7.06 -17.28 -13.20
C SER A 164 -6.79 -18.55 -12.39
N GLN A 165 -7.82 -19.10 -11.76
N GLN A 165 -7.84 -19.04 -11.72
CA GLN A 165 -7.63 -20.27 -10.90
CA GLN A 165 -7.79 -20.28 -10.93
C GLN A 165 -7.58 -21.56 -11.71
C GLN A 165 -7.42 -21.45 -11.80
N LYS A 166 -8.11 -21.56 -12.94
CA LYS A 166 -7.89 -22.67 -13.86
C LYS A 166 -6.49 -22.63 -14.45
N LEU A 167 -6.03 -21.43 -14.81
CA LEU A 167 -4.72 -21.26 -15.46
C LEU A 167 -3.54 -21.10 -14.50
N ASN A 168 -3.83 -20.92 -13.21
N ASN A 168 -3.84 -20.93 -13.21
CA ASN A 168 -2.82 -20.73 -12.16
CA ASN A 168 -2.84 -20.71 -12.16
C ASN A 168 -1.97 -19.49 -12.37
C ASN A 168 -1.96 -19.49 -12.40
N VAL A 169 -2.62 -18.34 -12.55
CA VAL A 169 -1.94 -17.07 -12.74
C VAL A 169 -2.55 -16.03 -11.82
N CYS A 170 -1.84 -14.92 -11.64
CA CYS A 170 -2.34 -13.83 -10.81
C CYS A 170 -3.72 -13.40 -11.34
N PRO A 171 -4.73 -13.28 -10.44
CA PRO A 171 -6.06 -12.91 -10.94
C PRO A 171 -6.10 -11.67 -11.81
N ARG A 172 -5.40 -10.63 -11.44
CA ARG A 172 -5.49 -9.40 -12.21
C ARG A 172 -4.72 -9.46 -13.52
N ASP A 173 -3.93 -10.50 -13.75
CA ASP A 173 -3.30 -10.69 -15.05
C ASP A 173 -4.25 -11.27 -16.11
N VAL A 174 -5.44 -11.68 -15.70
CA VAL A 174 -6.50 -11.94 -16.65
C VAL A 174 -7.28 -10.66 -16.90
N ASN A 175 -7.38 -10.24 -18.16
CA ASN A 175 -8.24 -9.13 -18.48
C ASN A 175 -9.37 -9.63 -19.33
N ALA A 176 -10.54 -9.04 -19.14
CA ALA A 176 -11.76 -9.49 -19.79
C ALA A 176 -12.76 -8.35 -19.85
N HIS A 177 -13.73 -8.48 -20.76
CA HIS A 177 -14.71 -7.45 -20.99
C HIS A 177 -16.10 -8.05 -20.96
N ILE A 178 -16.93 -7.50 -20.08
CA ILE A 178 -18.35 -7.82 -20.03
C ILE A 178 -19.06 -6.49 -20.19
N VAL A 179 -19.94 -6.40 -21.19
CA VAL A 179 -20.48 -5.10 -21.64
C VAL A 179 -22.01 -5.17 -21.79
N GLY A 180 -22.61 -4.04 -22.20
CA GLY A 180 -24.05 -3.99 -22.48
C GLY A 180 -24.89 -3.63 -21.27
N ALA A 181 -25.02 -4.58 -20.36
CA ALA A 181 -25.76 -4.33 -19.13
C ALA A 181 -25.24 -5.18 -17.96
N HIS A 182 -25.53 -4.72 -16.75
CA HIS A 182 -25.18 -5.42 -15.52
C HIS A 182 -26.45 -6.15 -15.09
N GLY A 183 -26.43 -7.47 -15.27
CA GLY A 183 -27.63 -8.29 -15.05
C GLY A 183 -27.55 -9.51 -15.96
N ASN A 184 -28.66 -10.24 -16.08
CA ASN A 184 -28.66 -11.51 -16.83
C ASN A 184 -28.35 -11.38 -18.32
N LYS A 185 -28.46 -10.18 -18.88
CA LYS A 185 -28.14 -9.96 -20.29
C LYS A 185 -26.70 -9.49 -20.50
N MET A 186 -25.88 -9.54 -19.44
CA MET A 186 -24.48 -9.12 -19.56
C MET A 186 -23.82 -9.86 -20.72
N VAL A 187 -22.98 -9.16 -21.46
CA VAL A 187 -22.37 -9.69 -22.68
C VAL A 187 -20.91 -10.02 -22.40
N LEU A 188 -20.61 -11.32 -22.30
CA LEU A 188 -19.24 -11.78 -22.09
C LEU A 188 -18.54 -11.90 -23.43
N LEU A 189 -17.47 -11.13 -23.61
CA LEU A 189 -16.73 -11.10 -24.88
C LEU A 189 -15.51 -12.01 -24.86
N LYS A 190 -15.71 -13.28 -25.19
CA LYS A 190 -14.65 -14.30 -25.18
C LYS A 190 -13.43 -13.88 -26.00
N ARG A 191 -13.68 -13.28 -27.15
CA ARG A 191 -12.64 -12.80 -28.06
C ARG A 191 -11.67 -11.80 -27.43
N TYR A 192 -12.12 -11.04 -26.44
CA TYR A 192 -11.33 -9.99 -25.81
C TYR A 192 -10.62 -10.44 -24.51
N ILE A 193 -10.70 -11.71 -24.15
CA ILE A 193 -10.06 -12.16 -22.93
C ILE A 193 -8.57 -12.36 -23.18
N THR A 194 -7.75 -11.80 -22.31
CA THR A 194 -6.31 -11.99 -22.40
C THR A 194 -5.77 -12.45 -21.05
N VAL A 195 -4.60 -13.08 -21.11
CA VAL A 195 -3.90 -13.58 -19.92
C VAL A 195 -2.49 -13.06 -20.04
N GLY A 196 -2.12 -12.16 -19.14
CA GLY A 196 -0.87 -11.39 -19.25
C GLY A 196 -0.71 -10.72 -20.59
N GLY A 197 -1.83 -10.24 -21.13
CA GLY A 197 -1.85 -9.58 -22.42
C GLY A 197 -1.92 -10.50 -23.63
N ILE A 198 -1.93 -11.81 -23.40
CA ILE A 198 -1.88 -12.82 -24.45
C ILE A 198 -3.30 -13.30 -24.71
N PRO A 199 -3.73 -13.39 -25.98
CA PRO A 199 -5.09 -13.88 -26.26
C PRO A 199 -5.37 -15.22 -25.59
N LEU A 200 -6.53 -15.31 -24.94
CA LEU A 200 -6.96 -16.54 -24.30
C LEU A 200 -6.93 -17.74 -25.25
N GLN A 201 -7.28 -17.53 -26.51
CA GLN A 201 -7.26 -18.60 -27.53
C GLN A 201 -5.94 -19.37 -27.61
N GLU A 202 -4.82 -18.68 -27.38
CA GLU A 202 -3.52 -19.36 -27.37
C GLU A 202 -3.49 -20.43 -26.28
N PHE A 203 -4.07 -20.12 -25.12
CA PHE A 203 -4.14 -21.08 -24.00
C PHE A 203 -5.11 -22.21 -24.28
N ILE A 204 -6.17 -21.91 -25.02
CA ILE A 204 -7.12 -22.95 -25.45
C ILE A 204 -6.42 -23.87 -26.46
N ASN A 205 -5.68 -23.28 -27.39
CA ASN A 205 -4.91 -24.05 -28.38
C ASN A 205 -3.89 -25.00 -27.74
N ASN A 206 -3.29 -24.60 -26.64
CA ASN A 206 -2.37 -25.41 -25.91
C ASN A 206 -3.01 -26.35 -24.90
N LYS A 207 -4.32 -26.44 -24.90
CA LYS A 207 -5.01 -27.34 -24.03
C LYS A 207 -4.87 -27.00 -22.55
N LEU A 208 -4.64 -25.74 -22.24
CA LEU A 208 -4.50 -25.31 -20.86
C LEU A 208 -5.85 -24.98 -20.24
N ILE A 209 -6.85 -24.85 -21.08
CA ILE A 209 -8.19 -24.70 -20.64
C ILE A 209 -9.04 -25.01 -21.87
N SER A 210 -10.21 -25.59 -21.67
CA SER A 210 -11.05 -26.02 -22.79
C SER A 210 -12.24 -25.08 -23.02
N ASP A 211 -12.76 -25.10 -24.24
CA ASP A 211 -13.97 -24.35 -24.58
C ASP A 211 -15.13 -24.68 -23.65
N ALA A 212 -15.23 -25.95 -23.24
CA ALA A 212 -16.27 -26.39 -22.31
C ALA A 212 -16.08 -25.83 -20.90
N GLU A 213 -14.84 -25.81 -20.45
CA GLU A 213 -14.52 -25.23 -19.18
C GLU A 213 -14.92 -23.76 -19.20
N LEU A 214 -14.58 -23.07 -20.27
CA LEU A 214 -14.91 -21.67 -20.38
C LEU A 214 -16.37 -21.44 -20.35
N GLU A 215 -17.12 -22.27 -21.04
CA GLU A 215 -18.56 -22.13 -21.09
C GLU A 215 -19.15 -22.28 -19.69
N ALA A 216 -18.66 -23.21 -18.94
CA ALA A 216 -19.06 -23.35 -17.55
C ALA A 216 -18.68 -22.10 -16.72
N ILE A 217 -17.49 -21.56 -17.00
CA ILE A 217 -17.04 -20.33 -16.32
C ILE A 217 -17.94 -19.14 -16.66
N PHE A 218 -18.35 -19.04 -17.92
CA PHE A 218 -19.25 -17.98 -18.36
C PHE A 218 -20.58 -18.07 -17.61
N ASP A 219 -21.15 -19.27 -17.57
N ASP A 219 -21.14 -19.27 -17.57
CA ASP A 219 -22.42 -19.47 -16.88
CA ASP A 219 -22.41 -19.47 -16.88
C ASP A 219 -22.29 -19.15 -15.39
C ASP A 219 -22.28 -19.14 -15.40
N ARG A 220 -21.16 -19.54 -14.79
CA ARG A 220 -20.91 -19.24 -13.39
C ARG A 220 -20.79 -17.73 -13.14
N THR A 221 -20.11 -17.04 -14.03
CA THR A 221 -19.99 -15.58 -13.96
C THR A 221 -21.36 -14.90 -13.94
N VAL A 222 -22.21 -15.23 -14.91
CA VAL A 222 -23.55 -14.62 -15.01
C VAL A 222 -24.38 -14.89 -13.76
N ASN A 223 -24.27 -16.10 -13.21
CA ASN A 223 -25.07 -16.51 -12.06
C ASN A 223 -24.40 -16.41 -10.69
N THR A 224 -23.27 -15.70 -10.61
CA THR A 224 -22.55 -15.63 -9.33
C THR A 224 -23.38 -15.04 -8.19
N ALA A 225 -24.10 -13.95 -8.44
CA ALA A 225 -24.93 -13.34 -7.40
C ALA A 225 -25.92 -14.38 -6.85
N LEU A 226 -26.56 -15.11 -7.75
CA LEU A 226 -27.52 -16.15 -7.36
C LEU A 226 -26.82 -17.29 -6.60
N GLU A 227 -25.63 -17.68 -7.06
CA GLU A 227 -24.87 -18.73 -6.37
C GLU A 227 -24.57 -18.33 -4.92
N ILE A 228 -24.20 -17.07 -4.72
CA ILE A 228 -23.85 -16.58 -3.39
C ILE A 228 -25.10 -16.49 -2.48
N VAL A 229 -26.21 -16.02 -3.04
CA VAL A 229 -27.48 -16.01 -2.31
C VAL A 229 -27.94 -17.42 -1.92
N ASN A 230 -27.80 -18.38 -2.83
CA ASN A 230 -28.16 -19.78 -2.56
C ASN A 230 -27.26 -20.45 -1.51
N LEU A 231 -26.09 -19.87 -1.24
CA LEU A 231 -25.20 -20.36 -0.18
C LEU A 231 -25.45 -19.67 1.16
N HIS A 232 -26.59 -19.00 1.29
CA HIS A 232 -26.99 -18.32 2.54
C HIS A 232 -26.02 -17.20 2.89
N ALA A 233 -25.49 -16.56 1.85
CA ALA A 233 -24.66 -15.39 2.03
C ALA A 233 -25.26 -14.33 1.12
N SER A 234 -24.56 -13.22 0.93
CA SER A 234 -24.98 -12.29 -0.11
C SER A 234 -23.80 -11.45 -0.60
N PRO A 235 -23.84 -11.01 -1.87
CA PRO A 235 -22.65 -10.38 -2.42
C PRO A 235 -22.60 -8.89 -2.10
N TYR A 236 -21.65 -8.51 -1.26
CA TYR A 236 -21.42 -7.11 -0.98
C TYR A 236 -19.96 -6.72 -0.89
N VAL A 237 -19.06 -7.66 -0.62
CA VAL A 237 -17.64 -7.36 -0.53
C VAL A 237 -17.04 -7.02 -1.89
N ALA A 238 -17.22 -7.88 -2.88
CA ALA A 238 -16.71 -7.59 -4.23
C ALA A 238 -17.39 -6.37 -4.86
N PRO A 239 -18.73 -6.24 -4.70
CA PRO A 239 -19.35 -5.02 -5.20
C PRO A 239 -18.71 -3.74 -4.61
N ALA A 240 -18.50 -3.73 -3.31
CA ALA A 240 -17.85 -2.61 -2.63
C ALA A 240 -16.45 -2.34 -3.17
N ALA A 241 -15.64 -3.39 -3.31
CA ALA A 241 -14.26 -3.21 -3.83
C ALA A 241 -14.27 -2.69 -5.28
N ALA A 242 -15.21 -3.15 -6.09
CA ALA A 242 -15.33 -2.69 -7.48
C ALA A 242 -15.68 -1.20 -7.53
N ILE A 243 -16.61 -0.78 -6.67
CA ILE A 243 -17.04 0.61 -6.61
C ILE A 243 -15.87 1.51 -6.18
N ILE A 244 -15.12 1.05 -5.20
CA ILE A 244 -13.99 1.83 -4.70
C ILE A 244 -12.87 1.93 -5.71
N GLU A 245 -12.67 0.89 -6.54
CA GLU A 245 -11.68 0.97 -7.62
C GLU A 245 -12.05 2.09 -8.60
N MET A 246 -13.34 2.21 -8.91
CA MET A 246 -13.85 3.28 -9.77
C MET A 246 -13.67 4.66 -9.13
N ALA A 247 -14.11 4.81 -7.89
CA ALA A 247 -13.98 6.08 -7.15
C ALA A 247 -12.52 6.50 -6.99
N GLU A 248 -11.64 5.54 -6.75
CA GLU A 248 -10.22 5.82 -6.59
C GLU A 248 -9.58 6.33 -7.88
N SER A 249 -9.97 5.76 -9.01
CA SER A 249 -9.45 6.21 -10.31
C SER A 249 -9.83 7.67 -10.57
N TYR A 250 -11.07 8.02 -10.22
CA TYR A 250 -11.54 9.39 -10.30
C TYR A 250 -10.71 10.29 -9.38
N LEU A 251 -10.71 9.96 -8.09
CA LEU A 251 -10.11 10.82 -7.08
C LEU A 251 -8.59 10.98 -7.20
N LYS A 252 -7.89 9.93 -7.66
CA LYS A 252 -6.44 9.99 -7.83
C LYS A 252 -6.01 10.32 -9.27
N ASP A 253 -6.98 10.55 -10.15
CA ASP A 253 -6.72 10.83 -11.55
C ASP A 253 -5.84 9.76 -12.18
N LEU A 254 -6.23 8.51 -11.99
CA LEU A 254 -5.42 7.40 -12.49
C LEU A 254 -5.63 7.14 -13.98
N LYS A 255 -6.80 7.51 -14.51
CA LYS A 255 -7.14 7.26 -15.93
C LYS A 255 -7.09 5.78 -16.26
N LYS A 256 -7.56 4.98 -15.32
CA LYS A 256 -7.76 3.55 -15.55
C LYS A 256 -8.85 3.33 -16.59
N VAL A 257 -8.68 2.28 -17.39
CA VAL A 257 -9.74 1.81 -18.28
C VAL A 257 -10.59 0.83 -17.50
N LEU A 258 -11.84 1.22 -17.21
CA LEU A 258 -12.75 0.43 -16.40
C LEU A 258 -14.12 0.38 -17.08
N ILE A 259 -14.76 -0.77 -17.04
CA ILE A 259 -16.05 -0.92 -17.72
C ILE A 259 -17.16 -0.48 -16.78
N CYS A 260 -17.92 0.54 -17.19
CA CYS A 260 -18.99 1.10 -16.37
C CYS A 260 -20.19 1.45 -17.24
N SER A 261 -21.33 1.63 -16.61
CA SER A 261 -22.52 2.05 -17.34
C SER A 261 -22.44 3.56 -17.55
N THR A 262 -22.49 3.98 -18.81
CA THR A 262 -22.32 5.38 -19.18
C THR A 262 -23.29 5.74 -20.30
N LEU A 263 -23.57 7.03 -20.44
CA LEU A 263 -24.51 7.50 -21.45
C LEU A 263 -23.95 7.26 -22.85
N LEU A 264 -24.71 6.53 -23.66
CA LEU A 264 -24.35 6.31 -25.05
C LEU A 264 -24.96 7.40 -25.92
N GLU A 265 -24.13 7.98 -26.80
CA GLU A 265 -24.54 9.03 -27.71
C GLU A 265 -24.16 8.63 -29.14
N GLY A 266 -24.59 7.44 -29.56
CA GLY A 266 -24.30 6.95 -30.90
C GLY A 266 -23.41 5.72 -30.92
N GLN A 267 -22.61 5.53 -29.86
CA GLN A 267 -21.75 4.35 -29.78
C GLN A 267 -22.60 3.09 -29.87
N TYR A 268 -22.10 2.12 -30.63
CA TYR A 268 -22.80 0.86 -30.87
C TYR A 268 -24.16 1.06 -31.57
N GLY A 269 -24.39 2.24 -32.15
CA GLY A 269 -25.67 2.56 -32.79
C GLY A 269 -26.79 2.96 -31.84
N HIS A 270 -26.46 3.24 -30.57
CA HIS A 270 -27.46 3.52 -29.54
C HIS A 270 -27.32 4.93 -28.96
N SER A 271 -28.44 5.51 -28.57
CA SER A 271 -28.46 6.80 -27.93
C SER A 271 -29.59 6.94 -26.94
N ASP A 272 -29.50 7.94 -26.11
CA ASP A 272 -30.48 8.17 -25.07
C ASP A 272 -30.68 7.01 -24.10
N ILE A 273 -29.61 6.25 -23.88
CA ILE A 273 -29.61 5.08 -23.04
C ILE A 273 -28.22 4.90 -22.39
N PHE A 274 -28.16 4.28 -21.22
CA PHE A 274 -26.88 3.97 -20.60
C PHE A 274 -26.60 2.50 -20.83
N GLY A 275 -25.34 2.17 -21.05
CA GLY A 275 -24.91 0.77 -21.15
C GLY A 275 -23.47 0.59 -20.76
N GLY A 276 -23.10 -0.66 -20.51
CA GLY A 276 -21.76 -0.98 -20.06
C GLY A 276 -20.76 -0.99 -21.21
N THR A 277 -19.67 -0.25 -21.03
CA THR A 277 -18.61 -0.15 -22.04
C THR A 277 -17.36 0.35 -21.33
N PRO A 278 -16.17 0.02 -21.85
CA PRO A 278 -14.97 0.58 -21.24
C PRO A 278 -14.97 2.10 -21.30
N VAL A 279 -14.61 2.73 -20.18
CA VAL A 279 -14.41 4.17 -20.11
C VAL A 279 -13.07 4.45 -19.44
N VAL A 280 -12.58 5.66 -19.59
CA VAL A 280 -11.38 6.10 -18.89
C VAL A 280 -11.82 7.05 -17.78
N LEU A 281 -11.52 6.69 -16.53
CA LEU A 281 -11.94 7.49 -15.37
C LEU A 281 -10.77 8.26 -14.78
N GLY A 282 -10.90 9.58 -14.76
CA GLY A 282 -9.88 10.45 -14.19
C GLY A 282 -10.48 11.66 -13.52
N ALA A 283 -9.66 12.67 -13.28
CA ALA A 283 -10.08 13.86 -12.52
C ALA A 283 -11.25 14.60 -13.17
N ASN A 284 -11.40 14.46 -14.48
CA ASN A 284 -12.55 15.03 -15.19
C ASN A 284 -13.73 14.06 -15.35
N GLY A 285 -13.76 13.02 -14.52
CA GLY A 285 -14.84 12.03 -14.57
C GLY A 285 -14.64 11.05 -15.72
N VAL A 286 -15.68 10.83 -16.50
CA VAL A 286 -15.57 9.99 -17.68
C VAL A 286 -14.84 10.81 -18.75
N GLU A 287 -13.55 10.60 -18.84
CA GLU A 287 -12.71 11.28 -19.80
C GLU A 287 -12.76 10.78 -21.23
N GLN A 288 -13.05 9.50 -21.38
CA GLN A 288 -13.18 8.88 -22.67
C GLN A 288 -14.22 7.77 -22.59
N VAL A 289 -14.96 7.61 -23.66
CA VAL A 289 -15.84 6.49 -23.82
C VAL A 289 -15.32 5.65 -24.97
N ILE A 290 -14.91 4.44 -24.65
CA ILE A 290 -14.30 3.58 -25.61
C ILE A 290 -15.31 2.68 -26.27
N GLU A 291 -15.45 2.79 -27.58
CA GLU A 291 -16.40 1.94 -28.30
C GLU A 291 -15.67 0.74 -28.87
N LEU A 292 -15.98 -0.46 -28.38
CA LEU A 292 -15.36 -1.67 -28.88
C LEU A 292 -15.83 -1.97 -30.31
N GLN A 293 -14.91 -2.46 -31.14
CA GLN A 293 -15.25 -2.80 -32.53
C GLN A 293 -15.77 -4.23 -32.58
N LEU A 294 -17.03 -4.36 -32.15
CA LEU A 294 -17.68 -5.65 -31.97
C LEU A 294 -18.00 -6.31 -33.30
N ASN A 295 -17.93 -7.63 -33.33
CA ASN A 295 -18.37 -8.40 -34.49
C ASN A 295 -19.88 -8.67 -34.39
N SER A 296 -20.45 -9.38 -35.36
CA SER A 296 -21.92 -9.48 -35.46
C SER A 296 -22.56 -10.16 -34.25
N GLU A 297 -21.99 -11.28 -33.82
CA GLU A 297 -22.52 -12.04 -32.69
C GLU A 297 -22.47 -11.23 -31.39
N GLU A 298 -21.34 -10.53 -31.19
CA GLU A 298 -21.15 -9.66 -30.04
C GLU A 298 -22.10 -8.47 -30.08
N LYS A 299 -22.25 -7.86 -31.25
CA LYS A 299 -23.15 -6.72 -31.43
C LYS A 299 -24.61 -7.11 -31.17
N ALA A 300 -25.00 -8.31 -31.61
CA ALA A 300 -26.34 -8.84 -31.40
C ALA A 300 -26.67 -8.95 -29.90
N LYS A 301 -25.71 -9.47 -29.13
CA LYS A 301 -25.89 -9.60 -27.68
C LYS A 301 -25.90 -8.23 -26.99
N PHE A 302 -25.06 -7.32 -27.48
CA PHE A 302 -25.08 -5.94 -26.97
C PHE A 302 -26.46 -5.33 -27.17
N ASP A 303 -26.99 -5.46 -28.38
CA ASP A 303 -28.31 -4.94 -28.70
C ASP A 303 -29.40 -5.55 -27.82
N GLU A 304 -29.29 -6.84 -27.53
CA GLU A 304 -30.25 -7.50 -26.64
C GLU A 304 -30.21 -6.93 -25.22
N ALA A 305 -28.99 -6.68 -24.72
CA ALA A 305 -28.82 -6.07 -23.39
C ALA A 305 -29.48 -4.70 -23.36
N ILE A 306 -29.21 -3.89 -24.39
CA ILE A 306 -29.78 -2.55 -24.45
C ILE A 306 -31.31 -2.60 -24.56
N ALA A 307 -31.82 -3.57 -25.32
CA ALA A 307 -33.28 -3.71 -25.46
C ALA A 307 -33.93 -4.02 -24.11
N GLU A 308 -33.29 -4.87 -23.32
CA GLU A 308 -33.79 -5.20 -21.99
C GLU A 308 -33.77 -3.97 -21.06
N THR A 309 -32.68 -3.23 -21.07
CA THR A 309 -32.61 -1.96 -20.32
C THR A 309 -33.74 -1.01 -20.72
N LYS A 310 -33.97 -0.87 -22.02
CA LYS A 310 -35.07 -0.04 -22.51
C LYS A 310 -36.42 -0.55 -22.03
N ARG A 311 -36.62 -1.87 -22.08
CA ARG A 311 -37.87 -2.48 -21.63
C ARG A 311 -38.15 -2.15 -20.16
N MET A 312 -37.13 -2.32 -19.32
CA MET A 312 -37.25 -2.04 -17.89
C MET A 312 -37.41 -0.54 -17.62
N LYS A 313 -36.70 0.29 -18.38
CA LYS A 313 -36.84 1.74 -18.22
C LYS A 313 -38.29 2.17 -18.48
N ALA A 314 -38.91 1.61 -19.52
CA ALA A 314 -40.32 1.89 -19.84
C ALA A 314 -41.26 1.55 -18.66
N LEU A 315 -41.04 0.41 -18.01
CA LEU A 315 -41.80 0.05 -16.82
C LEU A 315 -41.52 0.98 -15.64
N ALA A 316 -40.27 1.44 -15.50
CA ALA A 316 -39.87 2.30 -14.39
C ALA A 316 -40.58 3.66 -14.46
N HIS A 317 -40.75 4.18 -15.67
CA HIS A 317 -41.42 5.46 -15.89
C HIS A 317 -42.91 5.36 -15.63
N ALA B 2 8.53 -21.66 -0.74
CA ALA B 2 7.94 -21.38 0.62
C ALA B 2 6.55 -20.80 0.44
N PRO B 3 5.49 -21.59 0.70
CA PRO B 3 4.16 -21.19 0.27
C PRO B 3 3.52 -20.11 1.16
N LYS B 4 2.38 -19.58 0.72
CA LYS B 4 1.67 -18.55 1.47
C LYS B 4 1.31 -19.06 2.87
N ALA B 5 1.24 -18.14 3.83
CA ALA B 5 0.63 -18.46 5.12
C ALA B 5 -0.80 -18.95 4.92
N LYS B 6 -1.24 -19.84 5.79
CA LYS B 6 -2.63 -20.28 5.83
C LYS B 6 -3.26 -19.73 7.12
N ILE B 7 -4.32 -18.94 6.96
CA ILE B 7 -5.00 -18.26 8.06
C ILE B 7 -6.41 -18.83 8.16
N VAL B 8 -6.72 -19.47 9.28
CA VAL B 8 -8.05 -20.04 9.46
C VAL B 8 -8.85 -19.22 10.44
N LEU B 9 -10.00 -18.74 9.96
CA LEU B 9 -10.92 -17.95 10.77
C LEU B 9 -11.99 -18.86 11.34
N VAL B 10 -11.86 -19.20 12.62
CA VAL B 10 -12.80 -20.06 13.30
C VAL B 10 -13.92 -19.17 13.80
N GLY B 11 -14.97 -19.10 12.97
CA GLY B 11 -16.05 -18.12 13.13
C GLY B 11 -16.07 -17.22 11.91
N SER B 12 -17.17 -17.26 11.16
CA SER B 12 -17.32 -16.49 9.92
C SER B 12 -18.47 -15.50 10.00
N GLY B 13 -18.61 -14.87 11.16
CA GLY B 13 -19.61 -13.84 11.35
C GLY B 13 -19.14 -12.51 10.80
N MET B 14 -19.62 -11.43 11.38
CA MET B 14 -19.29 -10.11 10.88
C MET B 14 -17.80 -9.78 11.02
N ILE B 15 -17.19 -10.12 12.15
CA ILE B 15 -15.74 -9.90 12.31
C ILE B 15 -14.96 -10.76 11.30
N GLY B 16 -15.34 -12.03 11.15
CA GLY B 16 -14.72 -12.92 10.16
C GLY B 16 -14.74 -12.35 8.73
N GLY B 17 -15.87 -11.84 8.32
CA GLY B 17 -16.00 -11.29 6.99
C GLY B 17 -15.04 -10.12 6.76
N VAL B 18 -14.97 -9.22 7.72
CA VAL B 18 -14.07 -8.11 7.62
C VAL B 18 -12.59 -8.56 7.58
N MET B 19 -12.23 -9.47 8.45
CA MET B 19 -10.90 -10.03 8.49
C MET B 19 -10.51 -10.61 7.12
N ALA B 20 -11.38 -11.42 6.54
CA ALA B 20 -11.10 -12.01 5.23
C ALA B 20 -10.88 -10.92 4.17
N THR B 21 -11.73 -9.90 4.19
CA THR B 21 -11.60 -8.77 3.29
C THR B 21 -10.24 -8.11 3.43
N LEU B 22 -9.85 -7.81 4.67
CA LEU B 22 -8.56 -7.16 4.93
C LEU B 22 -7.37 -8.05 4.57
N ILE B 23 -7.47 -9.34 4.83
CA ILE B 23 -6.38 -10.26 4.49
C ILE B 23 -6.10 -10.21 2.99
N VAL B 24 -7.14 -10.23 2.17
CA VAL B 24 -6.97 -10.14 0.73
C VAL B 24 -6.38 -8.79 0.29
N GLN B 25 -6.88 -7.71 0.87
CA GLN B 25 -6.37 -6.36 0.60
C GLN B 25 -4.87 -6.27 0.83
N LYS B 26 -4.40 -6.94 1.89
CA LYS B 26 -3.01 -6.89 2.29
C LYS B 26 -2.20 -8.08 1.75
N ASN B 27 -2.85 -8.95 0.99
CA ASN B 27 -2.22 -10.16 0.44
C ASN B 27 -1.50 -10.99 1.52
N LEU B 28 -2.12 -11.14 2.69
CA LEU B 28 -1.44 -11.71 3.86
C LEU B 28 -1.33 -13.24 3.85
N GLY B 29 -2.24 -13.90 3.17
CA GLY B 29 -2.25 -15.32 3.07
C GLY B 29 -3.55 -15.89 2.57
N ASP B 30 -3.56 -17.18 2.32
CA ASP B 30 -4.76 -17.91 1.99
C ASP B 30 -5.68 -17.93 3.21
N VAL B 31 -6.97 -17.90 3.01
CA VAL B 31 -7.93 -17.77 4.07
C VAL B 31 -8.94 -18.90 4.05
N VAL B 32 -9.21 -19.47 5.21
CA VAL B 32 -10.36 -20.33 5.43
C VAL B 32 -11.39 -19.64 6.34
N LEU B 33 -12.61 -19.52 5.87
CA LEU B 33 -13.70 -19.04 6.69
C LEU B 33 -14.44 -20.27 7.18
N PHE B 34 -14.25 -20.59 8.47
CA PHE B 34 -14.93 -21.73 9.08
C PHE B 34 -16.11 -21.27 9.89
N ASP B 35 -17.19 -22.04 9.83
CA ASP B 35 -18.33 -21.81 10.71
C ASP B 35 -19.15 -23.09 10.83
N ILE B 36 -19.90 -23.21 11.92
CA ILE B 36 -20.84 -24.32 12.07
C ILE B 36 -22.09 -24.11 11.22
N VAL B 37 -22.39 -22.85 10.88
CA VAL B 37 -23.52 -22.57 9.99
C VAL B 37 -23.20 -23.13 8.61
N LYS B 38 -24.10 -23.95 8.08
CA LYS B 38 -23.90 -24.57 6.77
C LYS B 38 -23.96 -23.54 5.64
N ASN B 39 -23.09 -23.73 4.65
CA ASN B 39 -23.11 -22.98 3.39
C ASN B 39 -22.65 -21.52 3.46
N MET B 40 -23.10 -20.78 4.47
CA MET B 40 -22.76 -19.35 4.62
C MET B 40 -21.27 -19.00 4.44
N PRO B 41 -20.36 -19.71 5.13
CA PRO B 41 -18.94 -19.41 4.94
C PRO B 41 -18.45 -19.59 3.50
N HIS B 42 -19.04 -20.54 2.77
CA HIS B 42 -18.71 -20.74 1.36
C HIS B 42 -19.15 -19.55 0.51
N GLY B 43 -20.33 -19.00 0.83
CA GLY B 43 -20.85 -17.84 0.12
C GLY B 43 -20.02 -16.60 0.37
N LYS B 44 -19.69 -16.35 1.64
CA LYS B 44 -18.81 -15.24 2.00
C LYS B 44 -17.45 -15.38 1.35
N ALA B 45 -16.90 -16.60 1.39
CA ALA B 45 -15.59 -16.88 0.79
C ALA B 45 -15.59 -16.57 -0.70
N LEU B 46 -16.64 -16.99 -1.41
CA LEU B 46 -16.74 -16.78 -2.86
C LEU B 46 -16.75 -15.28 -3.17
N ASP B 47 -17.60 -14.56 -2.47
CA ASP B 47 -17.73 -13.09 -2.59
C ASP B 47 -16.37 -12.39 -2.39
N THR B 48 -15.67 -12.77 -1.33
CA THR B 48 -14.39 -12.15 -0.99
C THR B 48 -13.28 -12.50 -1.99
N SER B 49 -13.31 -13.73 -2.48
CA SER B 49 -12.27 -14.21 -3.40
C SER B 49 -12.15 -13.33 -4.64
N HIS B 50 -13.28 -12.82 -5.13
CA HIS B 50 -13.26 -11.97 -6.32
C HIS B 50 -12.46 -10.68 -6.13
N THR B 51 -12.33 -10.24 -4.88
CA THR B 51 -11.59 -9.00 -4.59
C THR B 51 -10.09 -9.11 -4.82
N ASN B 52 -9.58 -10.33 -5.01
CA ASN B 52 -8.19 -10.51 -5.43
C ASN B 52 -7.89 -9.69 -6.69
N VAL B 53 -8.88 -9.58 -7.58
CA VAL B 53 -8.70 -8.84 -8.83
C VAL B 53 -8.52 -7.35 -8.55
N MET B 54 -9.43 -6.78 -7.77
CA MET B 54 -9.36 -5.35 -7.43
C MET B 54 -8.11 -5.01 -6.62
N ALA B 55 -7.68 -5.95 -5.77
CA ALA B 55 -6.56 -5.72 -4.85
C ALA B 55 -5.17 -6.05 -5.39
N TYR B 56 -5.11 -6.62 -6.60
N TYR B 56 -5.08 -6.64 -6.59
CA TYR B 56 -3.89 -7.18 -7.22
CA TYR B 56 -3.80 -7.06 -7.14
C TYR B 56 -3.21 -8.15 -6.26
C TYR B 56 -3.18 -8.22 -6.33
N SER B 57 -4.02 -9.00 -5.64
CA SER B 57 -3.56 -10.01 -4.69
C SER B 57 -3.71 -11.40 -5.30
N ASN B 58 -3.25 -12.40 -4.57
CA ASN B 58 -3.45 -13.79 -4.98
C ASN B 58 -3.57 -14.68 -3.75
N CYS B 59 -4.66 -14.48 -3.01
CA CYS B 59 -4.97 -15.25 -1.81
C CYS B 59 -6.21 -16.08 -2.06
N LYS B 60 -6.11 -17.38 -1.83
CA LYS B 60 -7.30 -18.23 -1.90
C LYS B 60 -8.19 -17.91 -0.72
N VAL B 61 -9.50 -17.95 -0.94
CA VAL B 61 -10.48 -17.79 0.13
C VAL B 61 -11.51 -18.89 -0.03
N SER B 62 -11.58 -19.77 0.97
CA SER B 62 -12.46 -20.94 0.95
C SER B 62 -13.35 -20.91 2.19
N GLY B 63 -14.53 -21.51 2.07
CA GLY B 63 -15.40 -21.73 3.20
C GLY B 63 -15.19 -23.14 3.73
N SER B 64 -15.59 -23.36 4.97
CA SER B 64 -15.51 -24.67 5.59
C SER B 64 -16.54 -24.89 6.69
N ASN B 65 -17.01 -26.11 6.82
CA ASN B 65 -17.81 -26.53 7.95
C ASN B 65 -17.16 -27.63 8.80
N THR B 66 -15.86 -27.85 8.62
CA THR B 66 -15.13 -28.84 9.38
C THR B 66 -13.83 -28.33 9.99
N TYR B 67 -13.59 -28.67 11.22
CA TYR B 67 -12.32 -28.33 11.88
C TYR B 67 -11.10 -28.96 11.21
N ASP B 68 -11.31 -29.95 10.34
CA ASP B 68 -10.20 -30.58 9.64
C ASP B 68 -9.43 -29.58 8.77
N ASP B 69 -10.09 -28.50 8.38
CA ASP B 69 -9.41 -27.48 7.57
C ASP B 69 -8.41 -26.63 8.37
N LEU B 70 -8.32 -26.87 9.68
CA LEU B 70 -7.22 -26.34 10.50
C LEU B 70 -5.84 -26.93 10.15
N ALA B 71 -5.82 -28.07 9.46
CA ALA B 71 -4.56 -28.73 9.09
C ALA B 71 -3.62 -27.76 8.36
N GLY B 72 -2.42 -27.59 8.89
CA GLY B 72 -1.41 -26.73 8.25
C GLY B 72 -1.61 -25.23 8.45
N ALA B 73 -2.54 -24.84 9.31
CA ALA B 73 -2.77 -23.42 9.60
C ALA B 73 -1.54 -22.79 10.23
N ASP B 74 -1.19 -21.58 9.79
CA ASP B 74 -0.12 -20.82 10.40
C ASP B 74 -0.67 -19.88 11.48
N VAL B 75 -1.89 -19.41 11.25
CA VAL B 75 -2.59 -18.49 12.16
C VAL B 75 -4.04 -18.93 12.28
N VAL B 76 -4.53 -19.01 13.52
CA VAL B 76 -5.92 -19.34 13.78
C VAL B 76 -6.53 -18.21 14.61
N ILE B 77 -7.64 -17.68 14.14
CA ILE B 77 -8.34 -16.59 14.82
C ILE B 77 -9.71 -17.08 15.23
N VAL B 78 -9.98 -17.05 16.53
CA VAL B 78 -11.20 -17.62 17.08
C VAL B 78 -12.17 -16.52 17.52
N THR B 79 -13.27 -16.39 16.76
CA THR B 79 -14.37 -15.50 17.12
C THR B 79 -15.63 -16.26 17.50
N ALA B 80 -15.61 -17.59 17.35
CA ALA B 80 -16.78 -18.40 17.60
C ALA B 80 -17.13 -18.38 19.09
N GLY B 81 -18.40 -18.58 19.40
CA GLY B 81 -18.85 -18.62 20.78
C GLY B 81 -20.27 -18.11 20.94
N PHE B 82 -20.91 -18.52 22.04
CA PHE B 82 -22.25 -18.04 22.35
C PHE B 82 -22.18 -16.62 22.88
N THR B 83 -23.12 -15.79 22.44
CA THR B 83 -23.29 -14.44 22.96
C THR B 83 -24.76 -14.22 23.28
N ARG B 95 -24.78 -12.96 31.22
CA ARG B 95 -23.52 -13.28 30.56
C ARG B 95 -22.80 -14.46 31.22
N ASP B 96 -22.69 -14.43 32.56
CA ASP B 96 -21.96 -15.48 33.31
C ASP B 96 -22.41 -16.91 32.97
N ASP B 97 -23.68 -17.09 32.63
CA ASP B 97 -24.21 -18.42 32.29
C ASP B 97 -23.56 -19.02 31.04
N LEU B 98 -23.06 -18.16 30.14
CA LEU B 98 -22.41 -18.64 28.91
C LEU B 98 -20.98 -19.17 29.15
N LEU B 99 -20.37 -18.80 30.27
CA LEU B 99 -18.99 -19.18 30.57
C LEU B 99 -18.71 -20.69 30.44
N PRO B 100 -19.52 -21.54 31.10
CA PRO B 100 -19.30 -22.99 30.95
C PRO B 100 -19.61 -23.52 29.54
N LEU B 101 -20.56 -22.91 28.84
CA LEU B 101 -20.85 -23.28 27.45
C LEU B 101 -19.69 -22.94 26.53
N ASN B 102 -19.13 -21.74 26.67
CA ASN B 102 -18.01 -21.34 25.85
C ASN B 102 -16.72 -22.07 26.22
N ASN B 103 -16.61 -22.51 27.47
CA ASN B 103 -15.51 -23.39 27.86
C ASN B 103 -15.55 -24.68 27.04
N LYS B 104 -16.74 -25.25 26.85
CA LYS B 104 -16.90 -26.47 26.05
C LYS B 104 -16.50 -26.25 24.59
N ILE B 105 -16.81 -25.07 24.07
CA ILE B 105 -16.39 -24.70 22.72
C ILE B 105 -14.86 -24.62 22.63
N MET B 106 -14.22 -24.06 23.66
CA MET B 106 -12.77 -23.97 23.69
C MET B 106 -12.13 -25.37 23.84
N ILE B 107 -12.77 -26.26 24.58
CA ILE B 107 -12.30 -27.65 24.65
C ILE B 107 -12.30 -28.29 23.27
N GLU B 108 -13.40 -28.13 22.55
CA GLU B 108 -13.54 -28.66 21.19
C GLU B 108 -12.48 -28.07 20.25
N ILE B 109 -12.42 -26.74 20.15
CA ILE B 109 -11.46 -26.08 19.26
C ILE B 109 -10.03 -26.44 19.65
N GLY B 110 -9.75 -26.43 20.95
CA GLY B 110 -8.43 -26.76 21.47
C GLY B 110 -7.95 -28.13 21.03
N GLY B 111 -8.82 -29.13 21.14
CA GLY B 111 -8.49 -30.48 20.70
C GLY B 111 -8.19 -30.56 19.21
N HIS B 112 -8.92 -29.80 18.39
CA HIS B 112 -8.62 -29.77 16.95
C HIS B 112 -7.32 -29.02 16.64
N ILE B 113 -7.02 -27.98 17.41
CA ILE B 113 -5.76 -27.26 17.22
C ILE B 113 -4.58 -28.19 17.55
N LYS B 114 -4.68 -28.86 18.69
CA LYS B 114 -3.66 -29.79 19.16
C LYS B 114 -3.23 -30.80 18.08
N LYS B 115 -4.20 -31.34 17.35
CA LYS B 115 -3.89 -32.36 16.34
C LYS B 115 -3.59 -31.83 14.94
N ASN B 116 -4.21 -30.70 14.57
CA ASN B 116 -4.07 -30.17 13.21
C ASN B 116 -3.02 -29.10 13.01
N CYS B 117 -2.81 -28.25 14.01
CA CYS B 117 -1.92 -27.12 13.85
C CYS B 117 -1.32 -26.68 15.19
N PRO B 118 -0.62 -27.60 15.86
CA PRO B 118 -0.07 -27.30 17.18
C PRO B 118 1.00 -26.20 17.18
N ASN B 119 1.57 -25.89 16.01
CA ASN B 119 2.53 -24.79 15.91
C ASN B 119 1.94 -23.50 15.34
N ALA B 120 0.62 -23.42 15.24
CA ALA B 120 -0.02 -22.20 14.76
C ALA B 120 0.04 -21.09 15.82
N PHE B 121 0.00 -19.84 15.34
CA PHE B 121 -0.19 -18.69 16.20
C PHE B 121 -1.70 -18.48 16.34
N ILE B 122 -2.17 -18.42 17.60
CA ILE B 122 -3.59 -18.43 17.90
C ILE B 122 -4.01 -17.09 18.50
N ILE B 123 -5.06 -16.48 17.92
CA ILE B 123 -5.60 -15.24 18.46
C ILE B 123 -7.05 -15.49 18.85
N VAL B 124 -7.36 -15.29 20.14
CA VAL B 124 -8.69 -15.54 20.66
C VAL B 124 -9.48 -14.22 20.82
N VAL B 125 -10.71 -14.22 20.34
CA VAL B 125 -11.58 -13.04 20.43
C VAL B 125 -12.83 -13.28 21.29
N THR B 126 -13.24 -14.54 21.39
CA THR B 126 -14.39 -14.98 22.19
C THR B 126 -14.42 -14.32 23.58
N ASN B 127 -15.53 -13.64 23.90
CA ASN B 127 -15.64 -12.89 25.16
C ASN B 127 -16.15 -13.80 26.29
N PRO B 128 -15.71 -13.56 27.54
CA PRO B 128 -14.67 -12.62 27.97
C PRO B 128 -13.30 -13.15 27.58
N VAL B 129 -12.57 -12.37 26.79
CA VAL B 129 -11.36 -12.85 26.13
C VAL B 129 -10.29 -13.36 27.09
N ASP B 130 -10.05 -12.66 28.19
CA ASP B 130 -8.93 -13.00 29.07
C ASP B 130 -9.14 -14.38 29.72
N VAL B 131 -10.40 -14.74 29.93
CA VAL B 131 -10.77 -16.07 30.40
C VAL B 131 -10.65 -17.07 29.26
N MET B 132 -11.33 -16.79 28.15
CA MET B 132 -11.42 -17.75 27.03
C MET B 132 -10.05 -18.07 26.43
N VAL B 133 -9.16 -17.08 26.35
CA VAL B 133 -7.82 -17.32 25.80
C VAL B 133 -7.05 -18.32 26.66
N GLN B 134 -7.19 -18.24 27.98
CA GLN B 134 -6.51 -19.19 28.86
C GLN B 134 -7.11 -20.59 28.74
N LEU B 135 -8.44 -20.67 28.71
CA LEU B 135 -9.10 -21.96 28.50
C LEU B 135 -8.64 -22.64 27.20
N LEU B 136 -8.50 -21.86 26.11
CA LEU B 136 -8.00 -22.44 24.85
C LEU B 136 -6.52 -22.83 24.93
N HIS B 137 -5.74 -22.02 25.65
CA HIS B 137 -4.33 -22.33 25.89
C HIS B 137 -4.22 -23.70 26.57
N GLN B 138 -5.01 -23.88 27.63
CA GLN B 138 -5.00 -25.13 28.41
C GLN B 138 -5.49 -26.34 27.60
N HIS B 139 -6.55 -26.17 26.82
CA HIS B 139 -7.13 -27.29 26.08
C HIS B 139 -6.42 -27.60 24.75
N SER B 140 -5.62 -26.66 24.24
CA SER B 140 -4.90 -26.85 22.97
C SER B 140 -3.45 -27.30 23.17
N GLY B 141 -2.87 -26.95 24.32
CA GLY B 141 -1.50 -27.32 24.63
C GLY B 141 -0.44 -26.51 23.91
N VAL B 142 -0.84 -25.43 23.22
CA VAL B 142 0.13 -24.62 22.48
C VAL B 142 1.04 -23.86 23.48
N PRO B 143 2.26 -23.52 23.07
CA PRO B 143 3.15 -22.75 23.95
C PRO B 143 2.58 -21.36 24.28
N LYS B 144 2.91 -20.85 25.45
CA LYS B 144 2.44 -19.54 25.94
C LYS B 144 2.74 -18.39 24.99
N ASN B 145 3.82 -18.49 24.22
CA ASN B 145 4.21 -17.43 23.29
C ASN B 145 3.46 -17.48 21.94
N LYS B 146 2.58 -18.47 21.77
CA LYS B 146 1.86 -18.66 20.50
C LYS B 146 0.34 -18.48 20.61
N ILE B 147 -0.14 -17.99 21.75
CA ILE B 147 -1.56 -17.74 21.92
C ILE B 147 -1.77 -16.42 22.67
N ILE B 148 -2.61 -15.56 22.12
CA ILE B 148 -2.94 -14.28 22.73
C ILE B 148 -4.42 -13.96 22.55
N GLY B 149 -4.90 -13.01 23.35
CA GLY B 149 -6.27 -12.55 23.23
C GLY B 149 -6.33 -11.12 22.72
N LEU B 150 -7.33 -10.82 21.91
CA LEU B 150 -7.63 -9.44 21.54
C LEU B 150 -8.08 -8.64 22.74
N GLY B 151 -7.51 -7.45 22.91
CA GLY B 151 -8.01 -6.50 23.90
C GLY B 151 -7.49 -5.10 23.64
N GLY B 152 -6.26 -4.85 24.06
CA GLY B 152 -5.71 -3.50 24.10
C GLY B 152 -5.59 -2.76 22.79
N VAL B 153 -5.31 -3.50 21.70
CA VAL B 153 -5.21 -2.86 20.39
C VAL B 153 -6.57 -2.25 20.02
N LEU B 154 -7.65 -2.99 20.25
CA LEU B 154 -9.00 -2.49 19.99
C LEU B 154 -9.37 -1.35 20.96
N ASP B 155 -9.22 -1.59 22.25
CA ASP B 155 -9.63 -0.61 23.25
C ASP B 155 -8.86 0.72 23.11
N THR B 156 -7.53 0.63 22.92
CA THR B 156 -6.73 1.85 22.77
C THR B 156 -7.03 2.56 21.45
N SER B 157 -7.46 1.83 20.41
CA SER B 157 -7.83 2.47 19.14
C SER B 157 -8.93 3.51 19.37
N ARG B 158 -9.89 3.20 20.24
CA ARG B 158 -10.95 4.15 20.59
C ARG B 158 -10.38 5.37 21.32
N LEU B 159 -9.60 5.11 22.36
CA LEU B 159 -9.00 6.20 23.16
C LEU B 159 -8.11 7.09 22.29
N LYS B 160 -7.22 6.46 21.52
CA LYS B 160 -6.34 7.20 20.59
C LYS B 160 -7.14 8.04 19.60
N TYR B 161 -8.15 7.45 18.99
CA TYR B 161 -8.95 8.16 18.02
C TYR B 161 -9.67 9.37 18.63
N TYR B 162 -10.34 9.17 19.75
CA TYR B 162 -11.11 10.27 20.37
C TYR B 162 -10.18 11.42 20.78
N ILE B 163 -9.03 11.11 21.36
CA ILE B 163 -8.07 12.16 21.71
C ILE B 163 -7.57 12.90 20.46
N SER B 164 -7.29 12.15 19.39
CA SER B 164 -6.81 12.73 18.14
C SER B 164 -7.78 13.74 17.53
N GLN B 165 -9.07 13.50 17.68
N GLN B 165 -9.08 13.45 17.66
CA GLN B 165 -10.07 14.43 17.11
CA GLN B 165 -10.14 14.36 17.20
C GLN B 165 -10.24 15.70 17.95
C GLN B 165 -10.05 15.69 17.93
N LYS B 166 -9.96 15.60 19.25
CA LYS B 166 -9.93 16.79 20.11
C LYS B 166 -8.68 17.64 19.83
N LEU B 167 -7.53 16.99 19.65
CA LEU B 167 -6.27 17.69 19.45
C LEU B 167 -5.95 17.98 17.99
N ASN B 168 -6.74 17.45 17.06
CA ASN B 168 -6.54 17.66 15.63
C ASN B 168 -5.17 17.19 15.14
N VAL B 169 -4.84 15.95 15.48
CA VAL B 169 -3.64 15.29 14.99
C VAL B 169 -3.99 13.94 14.35
N CYS B 170 -3.03 13.38 13.64
CA CYS B 170 -3.20 12.06 13.04
C CYS B 170 -3.54 11.03 14.13
N PRO B 171 -4.61 10.24 13.93
CA PRO B 171 -5.00 9.28 14.96
C PRO B 171 -3.86 8.40 15.50
N ARG B 172 -3.03 7.85 14.63
CA ARG B 172 -1.98 6.95 15.12
C ARG B 172 -0.81 7.67 15.83
N ASP B 173 -0.74 8.99 15.72
CA ASP B 173 0.24 9.75 16.51
C ASP B 173 -0.15 9.89 17.98
N VAL B 174 -1.38 9.55 18.34
CA VAL B 174 -1.72 9.38 19.74
C VAL B 174 -1.41 7.94 20.13
N ASN B 175 -0.59 7.76 21.15
CA ASN B 175 -0.38 6.42 21.70
C ASN B 175 -0.93 6.37 23.12
N ALA B 176 -1.35 5.19 23.51
CA ALA B 176 -2.05 5.03 24.78
C ALA B 176 -2.03 3.58 25.19
N HIS B 177 -2.23 3.36 26.47
CA HIS B 177 -2.17 2.02 27.04
C HIS B 177 -3.40 1.75 27.89
N ILE B 178 -4.06 0.64 27.58
CA ILE B 178 -5.17 0.14 28.38
C ILE B 178 -4.82 -1.30 28.67
N VAL B 179 -4.83 -1.66 29.96
CA VAL B 179 -4.29 -2.93 30.41
C VAL B 179 -5.23 -3.68 31.36
N GLY B 180 -4.81 -4.89 31.75
CA GLY B 180 -5.50 -5.66 32.76
C GLY B 180 -6.45 -6.69 32.16
N ALA B 181 -7.56 -6.21 31.62
CA ALA B 181 -8.57 -7.06 30.99
C ALA B 181 -9.28 -6.29 29.90
N HIS B 182 -9.87 -7.03 28.97
CA HIS B 182 -10.70 -6.46 27.93
C HIS B 182 -12.15 -6.59 28.38
N GLY B 183 -12.75 -5.46 28.74
CA GLY B 183 -14.07 -5.43 29.34
C GLY B 183 -14.21 -4.26 30.27
N ASN B 184 -15.26 -4.26 31.08
CA ASN B 184 -15.58 -3.12 31.93
C ASN B 184 -14.50 -2.79 32.97
N LYS B 185 -13.64 -3.74 33.30
CA LYS B 185 -12.55 -3.49 34.24
C LYS B 185 -11.25 -3.05 33.55
N MET B 186 -11.31 -2.76 32.25
CA MET B 186 -10.12 -2.31 31.54
C MET B 186 -9.50 -1.11 32.26
N VAL B 187 -8.17 -1.07 32.31
CA VAL B 187 -7.44 -0.06 33.06
C VAL B 187 -6.85 0.96 32.10
N LEU B 188 -7.45 2.15 32.05
CA LEU B 188 -6.95 3.23 31.19
C LEU B 188 -5.87 4.02 31.90
N LEU B 189 -4.64 3.96 31.37
CA LEU B 189 -3.49 4.62 31.99
C LEU B 189 -3.23 6.02 31.41
N LYS B 190 -3.83 7.03 32.03
CA LYS B 190 -3.65 8.44 31.63
C LYS B 190 -2.18 8.86 31.52
N ARG B 191 -1.36 8.38 32.44
CA ARG B 191 0.06 8.72 32.53
C ARG B 191 0.87 8.21 31.31
N TYR B 192 0.34 7.20 30.62
CA TYR B 192 1.00 6.60 29.45
C TYR B 192 0.39 7.04 28.10
N ILE B 193 -0.29 8.18 28.08
CA ILE B 193 -0.81 8.72 26.83
C ILE B 193 0.21 9.71 26.28
N THR B 194 0.55 9.54 25.00
CA THR B 194 1.44 10.48 24.33
C THR B 194 0.81 10.97 23.02
N VAL B 195 1.26 12.14 22.58
CA VAL B 195 0.81 12.70 21.31
C VAL B 195 2.09 13.05 20.55
N GLY B 196 2.33 12.36 19.44
CA GLY B 196 3.60 12.48 18.73
C GLY B 196 4.79 12.21 19.62
N GLY B 197 4.62 11.31 20.58
CA GLY B 197 5.69 10.97 21.54
C GLY B 197 5.82 11.89 22.75
N ILE B 198 4.99 12.92 22.82
CA ILE B 198 5.00 13.92 23.88
C ILE B 198 3.94 13.57 24.92
N PRO B 199 4.29 13.60 26.22
CA PRO B 199 3.29 13.35 27.26
C PRO B 199 2.04 14.20 27.10
N LEU B 200 0.87 13.55 27.19
CA LEU B 200 -0.41 14.22 27.13
C LEU B 200 -0.53 15.37 28.13
N GLN B 201 0.04 15.19 29.33
CA GLN B 201 -0.02 16.22 30.37
C GLN B 201 0.46 17.59 29.86
N GLU B 202 1.43 17.60 28.94
CA GLU B 202 1.89 18.85 28.35
C GLU B 202 0.78 19.57 27.59
N PHE B 203 -0.09 18.80 26.92
CA PHE B 203 -1.21 19.36 26.17
C PHE B 203 -2.30 19.84 27.13
N ILE B 204 -2.43 19.15 28.26
CA ILE B 204 -3.34 19.58 29.31
C ILE B 204 -2.85 20.90 29.93
N ASN B 205 -1.57 20.97 30.28
CA ASN B 205 -0.96 22.21 30.80
C ASN B 205 -1.17 23.41 29.86
N ASN B 206 -1.14 23.19 28.55
CA ASN B 206 -1.34 24.21 27.56
C ASN B 206 -2.77 24.52 27.22
N LYS B 207 -3.68 23.92 27.96
CA LYS B 207 -5.09 24.09 27.74
C LYS B 207 -5.59 23.66 26.37
N LEU B 208 -4.96 22.67 25.77
CA LEU B 208 -5.41 22.14 24.51
C LEU B 208 -6.47 21.08 24.66
N ILE B 209 -6.56 20.51 25.84
CA ILE B 209 -7.57 19.55 26.21
C ILE B 209 -7.67 19.53 27.74
N SER B 210 -8.86 19.39 28.27
CA SER B 210 -9.05 19.49 29.71
C SER B 210 -9.13 18.11 30.37
N ASP B 211 -8.90 18.09 31.69
CA ASP B 211 -9.06 16.86 32.48
C ASP B 211 -10.51 16.35 32.40
N ALA B 212 -11.47 17.28 32.34
CA ALA B 212 -12.89 16.93 32.20
C ALA B 212 -13.22 16.30 30.85
N GLU B 213 -12.69 16.89 29.79
CA GLU B 213 -12.78 16.35 28.44
C GLU B 213 -12.21 14.95 28.40
N LEU B 214 -11.07 14.75 29.02
CA LEU B 214 -10.43 13.47 29.07
C LEU B 214 -11.22 12.41 29.86
N GLU B 215 -11.79 12.79 30.98
CA GLU B 215 -12.63 11.89 31.73
C GLU B 215 -13.83 11.45 30.91
N ALA B 216 -14.40 12.36 30.16
CA ALA B 216 -15.51 12.03 29.26
C ALA B 216 -15.07 11.04 28.17
N ILE B 217 -13.87 11.26 27.62
CA ILE B 217 -13.30 10.37 26.63
C ILE B 217 -13.01 8.98 27.23
N PHE B 218 -12.49 8.95 28.45
CA PHE B 218 -12.23 7.70 29.14
C PHE B 218 -13.51 6.90 29.30
N ASP B 219 -14.55 7.55 29.80
N ASP B 219 -14.57 7.54 29.79
CA ASP B 219 -15.87 6.93 29.97
CA ASP B 219 -15.85 6.88 29.95
C ASP B 219 -16.40 6.39 28.63
C ASP B 219 -16.38 6.37 28.62
N ARG B 220 -16.28 7.19 27.59
CA ARG B 220 -16.74 6.80 26.25
C ARG B 220 -16.01 5.57 25.74
N THR B 221 -14.69 5.55 25.95
CA THR B 221 -13.85 4.41 25.57
C THR B 221 -14.32 3.11 26.21
N VAL B 222 -14.52 3.14 27.53
CA VAL B 222 -14.94 1.95 28.27
C VAL B 222 -16.28 1.42 27.76
N ASN B 223 -17.18 2.35 27.43
CA ASN B 223 -18.54 2.02 27.05
C ASN B 223 -18.80 1.98 25.53
N THR B 224 -17.74 1.94 24.74
CA THR B 224 -17.89 2.05 23.28
C THR B 224 -18.69 0.89 22.68
N ALA B 225 -18.42 -0.33 23.13
CA ALA B 225 -19.12 -1.50 22.63
C ALA B 225 -20.61 -1.37 22.91
N LEU B 226 -20.95 -0.93 24.12
CA LEU B 226 -22.34 -0.71 24.50
C LEU B 226 -22.97 0.40 23.66
N GLU B 227 -22.25 1.51 23.48
CA GLU B 227 -22.70 2.62 22.63
C GLU B 227 -23.06 2.12 21.23
N ILE B 228 -22.18 1.32 20.63
CA ILE B 228 -22.37 0.88 19.26
C ILE B 228 -23.48 -0.18 19.18
N VAL B 229 -23.53 -1.10 20.14
CA VAL B 229 -24.63 -2.07 20.21
C VAL B 229 -25.99 -1.35 20.26
N ASN B 230 -26.09 -0.31 21.09
CA ASN B 230 -27.32 0.47 21.20
C ASN B 230 -27.70 1.14 19.88
N LEU B 231 -26.70 1.59 19.13
CA LEU B 231 -26.95 2.27 17.86
C LEU B 231 -27.20 1.31 16.70
N HIS B 232 -26.64 0.10 16.78
CA HIS B 232 -26.54 -0.76 15.60
C HIS B 232 -26.36 -2.22 15.96
N ALA B 233 -25.13 -2.62 16.28
CA ALA B 233 -24.80 -4.00 16.55
C ALA B 233 -23.45 -4.08 17.25
N SER B 234 -23.11 -5.28 17.73
CA SER B 234 -21.79 -5.49 18.33
C SER B 234 -20.75 -5.04 17.30
N PRO B 235 -19.79 -4.18 17.71
CA PRO B 235 -18.75 -3.71 16.79
C PRO B 235 -18.03 -4.84 16.07
N TYR B 236 -17.70 -4.65 14.80
CA TYR B 236 -16.94 -5.65 14.08
C TYR B 236 -15.84 -5.14 13.16
N VAL B 237 -15.94 -3.90 12.67
CA VAL B 237 -14.93 -3.41 11.73
C VAL B 237 -13.61 -3.13 12.45
N ALA B 238 -13.67 -2.43 13.59
CA ALA B 238 -12.45 -2.11 14.35
C ALA B 238 -11.87 -3.36 15.02
N PRO B 239 -12.72 -4.23 15.59
CA PRO B 239 -12.19 -5.50 16.08
C PRO B 239 -11.41 -6.27 15.00
N ALA B 240 -11.99 -6.38 13.81
CA ALA B 240 -11.31 -7.06 12.70
C ALA B 240 -9.96 -6.42 12.36
N ALA B 241 -9.94 -5.09 12.24
CA ALA B 241 -8.70 -4.40 11.88
C ALA B 241 -7.64 -4.58 12.96
N ALA B 242 -8.07 -4.59 14.21
CA ALA B 242 -7.16 -4.79 15.36
C ALA B 242 -6.53 -6.17 15.33
N ILE B 243 -7.36 -7.18 15.04
CA ILE B 243 -6.88 -8.55 14.94
C ILE B 243 -5.88 -8.71 13.80
N ILE B 244 -6.18 -8.12 12.65
CA ILE B 244 -5.29 -8.22 11.49
C ILE B 244 -3.96 -7.51 11.75
N GLU B 245 -3.99 -6.40 12.49
CA GLU B 245 -2.75 -5.72 12.85
C GLU B 245 -1.83 -6.68 13.63
N MET B 246 -2.42 -7.39 14.59
CA MET B 246 -1.73 -8.40 15.38
C MET B 246 -1.23 -9.54 14.51
N ALA B 247 -2.11 -10.10 13.68
CA ALA B 247 -1.74 -11.20 12.79
C ALA B 247 -0.64 -10.81 11.81
N GLU B 248 -0.70 -9.59 11.28
CA GLU B 248 0.29 -9.11 10.33
C GLU B 248 1.66 -8.94 10.99
N SER B 249 1.68 -8.44 12.22
CA SER B 249 2.94 -8.24 12.92
C SER B 249 3.66 -9.58 13.10
N TYR B 250 2.89 -10.62 13.41
CA TYR B 250 3.41 -11.98 13.47
C TYR B 250 3.93 -12.45 12.12
N LEU B 251 3.06 -12.45 11.12
CA LEU B 251 3.39 -13.00 9.79
C LEU B 251 4.54 -12.28 9.09
N LYS B 252 4.65 -10.98 9.28
CA LYS B 252 5.69 -10.19 8.62
C LYS B 252 6.91 -9.94 9.52
N ASP B 253 6.88 -10.50 10.74
CA ASP B 253 7.96 -10.31 11.72
C ASP B 253 8.25 -8.82 11.89
N LEU B 254 7.20 -8.04 12.14
CA LEU B 254 7.34 -6.60 12.29
C LEU B 254 7.84 -6.20 13.67
N LYS B 255 7.62 -7.06 14.66
CA LYS B 255 8.01 -6.80 16.06
C LYS B 255 7.36 -5.52 16.61
N LYS B 256 6.10 -5.31 16.24
CA LYS B 256 5.34 -4.20 16.82
C LYS B 256 5.05 -4.42 18.30
N VAL B 257 5.00 -3.31 19.04
CA VAL B 257 4.60 -3.31 20.44
C VAL B 257 3.09 -3.12 20.46
N LEU B 258 2.35 -4.18 20.80
CA LEU B 258 0.89 -4.19 20.77
C LEU B 258 0.37 -4.76 22.09
N ILE B 259 -0.71 -4.19 22.62
CA ILE B 259 -1.26 -4.66 23.88
C ILE B 259 -2.24 -5.79 23.61
N CYS B 260 -1.93 -6.97 24.17
N CYS B 260 -1.96 -6.96 24.18
CA CYS B 260 -2.75 -8.16 24.00
CA CYS B 260 -2.86 -8.10 24.05
C CYS B 260 -2.86 -8.91 25.34
C CYS B 260 -2.88 -8.90 25.34
N SER B 261 -3.81 -9.84 25.41
CA SER B 261 -3.96 -10.69 26.57
C SER B 261 -2.95 -11.82 26.44
N THR B 262 -2.12 -12.00 27.46
CA THR B 262 -1.01 -12.94 27.40
C THR B 262 -0.81 -13.57 28.80
N LEU B 263 -0.17 -14.73 28.84
CA LEU B 263 0.03 -15.44 30.11
C LEU B 263 0.98 -14.65 31.01
N LEU B 264 0.50 -14.30 32.19
CA LEU B 264 1.35 -13.66 33.19
C LEU B 264 2.06 -14.75 34.02
N GLU B 265 3.37 -14.59 34.16
CA GLU B 265 4.21 -15.52 34.92
C GLU B 265 5.00 -14.72 35.95
N GLY B 266 4.28 -13.96 36.78
CA GLY B 266 4.90 -13.13 37.81
C GLY B 266 4.80 -11.63 37.56
N GLN B 267 4.58 -11.23 36.31
CA GLN B 267 4.42 -9.81 36.01
C GLN B 267 3.24 -9.23 36.78
N TYR B 268 3.41 -8.00 37.25
CA TYR B 268 2.42 -7.31 38.07
C TYR B 268 2.05 -8.10 39.34
N GLY B 269 2.91 -9.04 39.73
CA GLY B 269 2.65 -9.92 40.86
C GLY B 269 1.61 -11.02 40.64
N HIS B 270 1.31 -11.34 39.38
CA HIS B 270 0.30 -12.34 39.04
C HIS B 270 0.84 -13.52 38.24
N SER B 271 0.20 -14.68 38.37
CA SER B 271 0.57 -15.88 37.63
C SER B 271 -0.62 -16.82 37.40
N ASP B 272 -0.44 -17.76 36.50
CA ASP B 272 -1.46 -18.69 36.08
C ASP B 272 -2.74 -18.01 35.61
N ILE B 273 -2.61 -16.86 34.97
CA ILE B 273 -3.73 -16.10 34.50
C ILE B 273 -3.25 -15.28 33.29
N PHE B 274 -4.17 -14.93 32.39
CA PHE B 274 -3.88 -14.05 31.27
C PHE B 274 -4.42 -12.66 31.60
N GLY B 275 -3.68 -11.64 31.18
CA GLY B 275 -4.11 -10.25 31.32
C GLY B 275 -3.52 -9.38 30.23
N GLY B 276 -4.14 -8.22 30.01
CA GLY B 276 -3.72 -7.30 28.97
C GLY B 276 -2.45 -6.57 29.35
N THR B 277 -1.44 -6.66 28.50
CA THR B 277 -0.18 -5.94 28.69
C THR B 277 0.51 -5.76 27.35
N PRO B 278 1.35 -4.72 27.21
CA PRO B 278 2.11 -4.60 25.96
C PRO B 278 3.03 -5.80 25.75
N VAL B 279 3.05 -6.29 24.51
CA VAL B 279 3.94 -7.36 24.09
C VAL B 279 4.56 -6.98 22.74
N VAL B 280 5.62 -7.67 22.39
CA VAL B 280 6.25 -7.53 21.08
C VAL B 280 5.88 -8.76 20.28
N LEU B 281 5.26 -8.57 19.12
CA LEU B 281 4.81 -9.67 18.27
C LEU B 281 5.66 -9.76 17.02
N GLY B 282 6.33 -10.90 16.86
CA GLY B 282 7.18 -11.13 15.70
C GLY B 282 7.04 -12.56 15.24
N ALA B 283 8.00 -13.00 14.44
CA ALA B 283 7.96 -14.32 13.82
C ALA B 283 8.00 -15.43 14.88
N ASN B 284 8.52 -15.13 16.06
CA ASN B 284 8.47 -16.07 17.18
C ASN B 284 7.28 -15.90 18.11
N GLY B 285 6.21 -15.25 17.64
CA GLY B 285 5.02 -15.04 18.44
C GLY B 285 5.23 -13.90 19.40
N VAL B 286 4.87 -14.12 20.67
CA VAL B 286 5.13 -13.16 21.73
C VAL B 286 6.60 -13.27 22.07
N GLU B 287 7.36 -12.32 21.54
CA GLU B 287 8.79 -12.28 21.71
C GLU B 287 9.22 -11.59 22.99
N GLN B 288 8.40 -10.66 23.44
CA GLN B 288 8.58 -10.00 24.69
C GLN B 288 7.23 -9.69 25.35
N VAL B 289 7.22 -9.82 26.65
CA VAL B 289 6.16 -9.36 27.51
C VAL B 289 6.67 -8.19 28.34
N ILE B 290 6.07 -7.05 28.13
CA ILE B 290 6.54 -5.83 28.73
C ILE B 290 5.72 -5.51 29.96
N GLU B 291 6.36 -5.44 31.09
CA GLU B 291 5.68 -5.12 32.33
C GLU B 291 5.81 -3.62 32.57
N LEU B 292 4.69 -2.92 32.55
CA LEU B 292 4.69 -1.49 32.80
C LEU B 292 5.02 -1.24 34.27
N GLN B 293 5.78 -0.18 34.52
CA GLN B 293 6.18 0.18 35.88
C GLN B 293 5.08 1.03 36.49
N LEU B 294 4.03 0.35 36.92
CA LEU B 294 2.82 1.02 37.37
C LEU B 294 2.98 1.60 38.77
N ASN B 295 2.30 2.71 39.03
CA ASN B 295 2.19 3.22 40.40
C ASN B 295 1.07 2.51 41.14
N SER B 296 0.91 2.82 42.43
CA SER B 296 0.02 2.05 43.28
C SER B 296 -1.45 2.09 42.83
N GLU B 297 -1.91 3.26 42.40
CA GLU B 297 -3.30 3.40 41.96
C GLU B 297 -3.56 2.55 40.71
N GLU B 298 -2.65 2.65 39.75
CA GLU B 298 -2.76 1.90 38.49
C GLU B 298 -2.73 0.40 38.79
N LYS B 299 -1.76 -0.01 39.60
CA LYS B 299 -1.62 -1.40 40.04
C LYS B 299 -2.90 -1.92 40.69
N ALA B 300 -3.51 -1.10 41.54
CA ALA B 300 -4.73 -1.49 42.24
C ALA B 300 -5.82 -1.83 41.22
N LYS B 301 -5.96 -0.98 40.20
CA LYS B 301 -6.95 -1.21 39.14
C LYS B 301 -6.60 -2.45 38.31
N PHE B 302 -5.31 -2.68 38.08
CA PHE B 302 -4.85 -3.88 37.40
C PHE B 302 -5.29 -5.11 38.18
N ASP B 303 -5.07 -5.09 39.50
CA ASP B 303 -5.43 -6.23 40.36
C ASP B 303 -6.94 -6.50 40.33
N GLU B 304 -7.74 -5.43 40.26
CA GLU B 304 -9.20 -5.57 40.19
C GLU B 304 -9.62 -6.27 38.90
N ALA B 305 -8.96 -5.93 37.80
CA ALA B 305 -9.22 -6.54 36.50
C ALA B 305 -8.91 -8.04 36.53
N ILE B 306 -7.76 -8.39 37.07
CA ILE B 306 -7.34 -9.80 37.19
C ILE B 306 -8.29 -10.59 38.09
N ALA B 307 -8.70 -10.00 39.21
CA ALA B 307 -9.65 -10.65 40.12
C ALA B 307 -10.96 -10.99 39.40
N GLU B 308 -11.43 -10.09 38.54
CA GLU B 308 -12.66 -10.32 37.80
C GLU B 308 -12.50 -11.43 36.74
N THR B 309 -11.33 -11.48 36.11
CA THR B 309 -10.99 -12.58 35.22
C THR B 309 -10.96 -13.92 35.98
N LYS B 310 -10.32 -13.94 37.15
CA LYS B 310 -10.27 -15.14 37.98
C LYS B 310 -11.64 -15.61 38.42
N ARG B 311 -12.51 -14.66 38.78
CA ARG B 311 -13.89 -14.97 39.16
C ARG B 311 -14.64 -15.67 38.03
N MET B 312 -14.55 -15.11 36.82
CA MET B 312 -15.24 -15.68 35.68
C MET B 312 -14.63 -17.01 35.24
N LYS B 313 -13.32 -17.15 35.39
CA LYS B 313 -12.64 -18.40 35.06
C LYS B 313 -13.15 -19.52 35.96
N ALA B 314 -13.32 -19.22 37.25
CA ALA B 314 -13.86 -20.19 38.21
C ALA B 314 -15.22 -20.71 37.76
N LEU B 315 -16.08 -19.80 37.33
CA LEU B 315 -17.42 -20.14 36.84
C LEU B 315 -17.41 -20.97 35.55
N ALA B 316 -16.40 -20.72 34.70
CA ALA B 316 -16.26 -21.45 33.44
C ALA B 316 -15.96 -22.94 33.67
N HIS B 317 -15.31 -23.26 34.77
CA HIS B 317 -15.02 -24.66 35.13
C HIS B 317 -16.19 -25.30 35.87
N ALA C 2 -8.86 18.17 -7.31
CA ALA C 2 -8.57 17.90 -8.75
C ALA C 2 -7.95 19.16 -9.34
N PRO C 3 -6.87 19.02 -10.14
CA PRO C 3 -6.10 17.85 -10.58
C PRO C 3 -5.00 17.41 -9.59
N LYS C 4 -4.10 16.53 -10.06
CA LYS C 4 -2.97 16.07 -9.26
C LYS C 4 -2.13 17.24 -8.72
N ALA C 5 -1.59 17.06 -7.53
CA ALA C 5 -0.59 18.00 -7.00
C ALA C 5 0.60 18.09 -7.96
N LYS C 6 1.22 19.26 -8.04
CA LYS C 6 2.47 19.46 -8.77
C LYS C 6 3.58 19.69 -7.76
N ILE C 7 4.59 18.83 -7.81
CA ILE C 7 5.72 18.87 -6.87
C ILE C 7 6.98 19.20 -7.64
N VAL C 8 7.62 20.32 -7.31
CA VAL C 8 8.82 20.75 -8.01
C VAL C 8 10.04 20.56 -7.10
N LEU C 9 10.98 19.77 -7.59
CA LEU C 9 12.21 19.49 -6.89
C LEU C 9 13.28 20.44 -7.43
N VAL C 10 13.63 21.43 -6.61
CA VAL C 10 14.65 22.41 -6.98
C VAL C 10 15.98 21.85 -6.51
N GLY C 11 16.67 21.18 -7.43
CA GLY C 11 17.83 20.36 -7.15
C GLY C 11 17.46 18.93 -7.54
N SER C 12 18.18 18.37 -8.51
CA SER C 12 17.92 17.05 -9.04
C SER C 12 19.14 16.15 -8.87
N GLY C 13 19.80 16.28 -7.73
CA GLY C 13 20.95 15.45 -7.40
C GLY C 13 20.51 14.13 -6.80
N MET C 14 21.27 13.63 -5.85
CA MET C 14 21.01 12.31 -5.29
C MET C 14 19.71 12.29 -4.49
N ILE C 15 19.47 13.31 -3.66
CA ILE C 15 18.24 13.38 -2.89
C ILE C 15 17.04 13.54 -3.82
N GLY C 16 17.16 14.42 -4.79
CA GLY C 16 16.10 14.61 -5.76
C GLY C 16 15.70 13.34 -6.49
N GLY C 17 16.68 12.59 -6.94
CA GLY C 17 16.42 11.35 -7.62
C GLY C 17 15.58 10.38 -6.79
N VAL C 18 15.93 10.21 -5.52
CA VAL C 18 15.15 9.34 -4.66
C VAL C 18 13.71 9.90 -4.40
N MET C 19 13.59 11.21 -4.23
CA MET C 19 12.33 11.83 -4.01
C MET C 19 11.39 11.53 -5.20
N ALA C 20 11.87 11.71 -6.41
CA ALA C 20 11.06 11.47 -7.60
C ALA C 20 10.61 9.99 -7.63
N THR C 21 11.54 9.11 -7.32
CA THR C 21 11.23 7.68 -7.24
C THR C 21 10.09 7.42 -6.24
N LEU C 22 10.20 7.97 -5.03
CA LEU C 22 9.19 7.71 -4.00
C LEU C 22 7.83 8.35 -4.30
N ILE C 23 7.86 9.54 -4.91
CA ILE C 23 6.63 10.22 -5.30
C ILE C 23 5.81 9.36 -6.27
N VAL C 24 6.48 8.74 -7.25
CA VAL C 24 5.81 7.85 -8.20
C VAL C 24 5.28 6.59 -7.51
N GLN C 25 6.10 6.00 -6.65
CA GLN C 25 5.69 4.82 -5.87
C GLN C 25 4.41 5.07 -5.09
N LYS C 26 4.29 6.28 -4.54
CA LYS C 26 3.14 6.65 -3.71
C LYS C 26 2.06 7.41 -4.48
N ASN C 27 2.23 7.56 -5.80
CA ASN C 27 1.30 8.32 -6.65
C ASN C 27 0.96 9.69 -6.07
N LEU C 28 1.97 10.40 -5.56
CA LEU C 28 1.70 11.63 -4.79
C LEU C 28 1.40 12.86 -5.62
N GLY C 29 1.88 12.89 -6.84
CA GLY C 29 1.68 14.04 -7.70
C GLY C 29 2.65 14.04 -8.86
N ASP C 30 2.41 14.94 -9.81
CA ASP C 30 3.29 15.10 -10.95
C ASP C 30 4.60 15.70 -10.42
N VAL C 31 5.70 15.35 -11.06
CA VAL C 31 7.00 15.77 -10.58
C VAL C 31 7.79 16.57 -11.62
N VAL C 32 8.45 17.63 -11.19
CA VAL C 32 9.44 18.34 -11.98
C VAL C 32 10.80 18.26 -11.30
N LEU C 33 11.74 17.70 -12.01
CA LEU C 33 13.12 17.65 -11.56
C LEU C 33 13.82 18.84 -12.17
N PHE C 34 14.06 19.87 -11.37
CA PHE C 34 14.75 21.07 -11.84
C PHE C 34 16.22 21.05 -11.41
N ASP C 35 17.09 21.50 -12.31
CA ASP C 35 18.49 21.70 -11.97
C ASP C 35 19.14 22.67 -12.93
N ILE C 36 20.21 23.30 -12.48
CA ILE C 36 21.05 24.15 -13.32
C ILE C 36 21.86 23.33 -14.33
N VAL C 37 22.20 22.10 -13.96
CA VAL C 37 22.94 21.20 -14.86
C VAL C 37 22.05 20.83 -16.03
N LYS C 38 22.56 21.04 -17.25
CA LYS C 38 21.80 20.80 -18.46
C LYS C 38 21.61 19.32 -18.71
N ASN C 39 20.44 18.97 -19.24
CA ASN C 39 20.14 17.61 -19.73
C ASN C 39 19.87 16.60 -18.62
N MET C 40 20.75 16.54 -17.62
CA MET C 40 20.68 15.52 -16.57
C MET C 40 19.28 15.34 -15.94
N PRO C 41 18.62 16.46 -15.57
CA PRO C 41 17.29 16.26 -14.97
C PRO C 41 16.28 15.62 -15.96
N HIS C 42 16.43 15.89 -17.25
CA HIS C 42 15.56 15.26 -18.25
C HIS C 42 15.81 13.75 -18.34
N GLY C 43 17.08 13.35 -18.24
CA GLY C 43 17.45 11.94 -18.26
C GLY C 43 16.94 11.17 -17.04
N LYS C 44 17.10 11.74 -15.85
CA LYS C 44 16.59 11.14 -14.62
C LYS C 44 15.06 11.07 -14.64
N ALA C 45 14.42 12.11 -15.16
CA ALA C 45 12.96 12.14 -15.28
C ALA C 45 12.44 11.03 -16.19
N LEU C 46 13.11 10.84 -17.33
CA LEU C 46 12.69 9.82 -18.29
C LEU C 46 12.78 8.42 -17.66
N ASP C 47 13.94 8.13 -17.06
CA ASP C 47 14.16 6.87 -16.34
C ASP C 47 13.08 6.66 -15.27
N THR C 48 12.82 7.68 -14.48
CA THR C 48 11.86 7.56 -13.37
C THR C 48 10.42 7.37 -13.87
N SER C 49 10.08 8.05 -14.96
CA SER C 49 8.72 8.04 -15.49
C SER C 49 8.23 6.62 -15.84
N HIS C 50 9.14 5.75 -16.31
CA HIS C 50 8.78 4.38 -16.69
C HIS C 50 8.29 3.54 -15.50
N THR C 51 8.73 3.90 -14.30
CA THR C 51 8.32 3.20 -13.09
C THR C 51 6.82 3.35 -12.78
N ASN C 52 6.12 4.29 -13.45
CA ASN C 52 4.65 4.34 -13.32
C ASN C 52 4.01 2.98 -13.62
N VAL C 53 4.57 2.24 -14.57
CA VAL C 53 4.06 0.91 -14.95
C VAL C 53 4.19 -0.08 -13.80
N MET C 54 5.40 -0.20 -13.25
CA MET C 54 5.65 -1.09 -12.13
C MET C 54 4.84 -0.68 -10.89
N ALA C 55 4.63 0.63 -10.71
CA ALA C 55 3.98 1.13 -9.49
C ALA C 55 2.44 1.21 -9.53
N TYR C 56 1.86 0.98 -10.70
N TYR C 56 1.84 1.00 -10.69
CA TYR C 56 0.43 1.23 -11.00
CA TYR C 56 0.40 1.18 -10.86
C TYR C 56 0.05 2.66 -10.64
C TYR C 56 0.02 2.66 -10.68
N SER C 57 0.94 3.57 -10.97
CA SER C 57 0.72 5.01 -10.72
C SER C 57 0.50 5.74 -12.03
N ASN C 58 0.16 7.02 -11.92
CA ASN C 58 0.04 7.88 -13.08
C ASN C 58 0.49 9.30 -12.74
N CYS C 59 1.79 9.43 -12.50
CA CYS C 59 2.44 10.70 -12.21
C CYS C 59 3.40 11.04 -13.33
N LYS C 60 3.23 12.23 -13.92
CA LYS C 60 4.16 12.74 -14.90
C LYS C 60 5.49 13.06 -14.19
N VAL C 61 6.60 12.74 -14.84
CA VAL C 61 7.93 13.13 -14.35
C VAL C 61 8.67 13.82 -15.48
N SER C 62 9.01 15.08 -15.25
CA SER C 62 9.64 15.92 -16.26
C SER C 62 10.89 16.54 -15.72
N GLY C 63 11.85 16.77 -16.61
CA GLY C 63 13.02 17.56 -16.29
C GLY C 63 12.81 19.03 -16.62
N SER C 64 13.61 19.87 -16.01
CA SER C 64 13.61 21.27 -16.30
C SER C 64 14.92 21.98 -16.00
N ASN C 65 15.22 22.99 -16.81
CA ASN C 65 16.30 23.90 -16.53
C ASN C 65 15.83 25.37 -16.33
N THR C 66 14.55 25.58 -16.11
CA THR C 66 14.03 26.92 -15.90
C THR C 66 13.12 27.00 -14.69
N TYR C 67 13.26 28.07 -13.93
CA TYR C 67 12.38 28.32 -12.79
C TYR C 67 10.93 28.58 -13.19
N ASP C 68 10.67 28.80 -14.48
CA ASP C 68 9.29 28.98 -14.97
C ASP C 68 8.44 27.74 -14.69
N ASP C 69 9.08 26.58 -14.56
CA ASP C 69 8.37 25.36 -14.22
C ASP C 69 7.85 25.31 -12.76
N LEU C 70 8.18 26.32 -11.96
CA LEU C 70 7.53 26.54 -10.65
C LEU C 70 6.07 26.98 -10.74
N ALA C 71 5.65 27.46 -11.92
CA ALA C 71 4.27 27.91 -12.12
C ALA C 71 3.28 26.81 -11.75
N GLY C 72 2.41 27.11 -10.80
CA GLY C 72 1.37 26.16 -10.40
C GLY C 72 1.81 25.07 -9.43
N ALA C 73 3.03 25.18 -8.90
CA ALA C 73 3.55 24.19 -7.95
C ALA C 73 2.72 24.22 -6.68
N ASP C 74 2.42 23.03 -6.15
CA ASP C 74 1.77 22.92 -4.85
C ASP C 74 2.80 22.71 -3.76
N VAL C 75 3.87 22.00 -4.10
CA VAL C 75 4.96 21.75 -3.17
C VAL C 75 6.28 22.02 -3.87
N VAL C 76 7.17 22.71 -3.17
CA VAL C 76 8.51 22.99 -3.67
C VAL C 76 9.52 22.50 -2.65
N ILE C 77 10.46 21.68 -3.12
CA ILE C 77 11.49 21.10 -2.26
C ILE C 77 12.86 21.53 -2.77
N VAL C 78 13.60 22.24 -1.92
CA VAL C 78 14.87 22.88 -2.29
C VAL C 78 16.07 22.13 -1.71
N THR C 79 16.77 21.40 -2.57
CA THR C 79 18.03 20.73 -2.20
C THR C 79 19.23 21.42 -2.83
N ALA C 80 18.99 22.39 -3.70
CA ALA C 80 20.06 23.09 -4.40
C ALA C 80 20.94 23.88 -3.44
N GLY C 81 22.23 24.00 -3.79
CA GLY C 81 23.17 24.81 -3.01
C GLY C 81 24.59 24.27 -3.05
N PHE C 82 25.57 25.14 -2.78
CA PHE C 82 26.97 24.72 -2.72
C PHE C 82 27.25 23.93 -1.45
N THR C 83 28.07 22.89 -1.57
CA THR C 83 28.37 22.00 -0.45
C THR C 83 29.89 21.84 -0.27
N ARG C 95 33.31 25.70 5.73
CA ARG C 95 31.89 25.63 5.36
C ARG C 95 31.26 27.02 5.41
N ASP C 96 31.62 27.81 6.41
CA ASP C 96 31.05 29.15 6.61
C ASP C 96 31.19 30.08 5.41
N ASP C 97 32.22 29.88 4.58
CA ASP C 97 32.39 30.67 3.35
C ASP C 97 31.22 30.51 2.39
N LEU C 98 30.55 29.35 2.42
CA LEU C 98 29.44 29.08 1.51
C LEU C 98 28.15 29.84 1.86
N LEU C 99 28.03 30.29 3.10
CA LEU C 99 26.80 30.93 3.59
C LEU C 99 26.32 32.12 2.75
N PRO C 100 27.23 33.09 2.46
CA PRO C 100 26.79 34.18 1.58
C PRO C 100 26.50 33.72 0.14
N LEU C 101 27.15 32.67 -0.32
CA LEU C 101 26.91 32.17 -1.67
C LEU C 101 25.51 31.54 -1.77
N ASN C 102 25.19 30.68 -0.82
CA ASN C 102 23.87 30.04 -0.77
C ASN C 102 22.76 31.02 -0.41
N ASN C 103 23.08 32.09 0.31
CA ASN C 103 22.12 33.18 0.50
C ASN C 103 21.67 33.77 -0.85
N LYS C 104 22.62 33.92 -1.78
CA LYS C 104 22.28 34.40 -3.13
C LYS C 104 21.43 33.41 -3.90
N ILE C 105 21.68 32.11 -3.70
CA ILE C 105 20.83 31.07 -4.29
C ILE C 105 19.41 31.16 -3.72
N MET C 106 19.30 31.42 -2.41
CA MET C 106 18.00 31.56 -1.77
C MET C 106 17.28 32.84 -2.21
N ILE C 107 18.04 33.90 -2.50
CA ILE C 107 17.45 35.12 -3.05
C ILE C 107 16.86 34.84 -4.43
N GLU C 108 17.62 34.15 -5.27
CA GLU C 108 17.16 33.80 -6.63
C GLU C 108 15.91 32.93 -6.57
N ILE C 109 16.00 31.82 -5.83
CA ILE C 109 14.86 30.89 -5.73
C ILE C 109 13.64 31.58 -5.13
N GLY C 110 13.85 32.35 -4.07
CA GLY C 110 12.80 33.10 -3.41
C GLY C 110 12.05 34.03 -4.34
N GLY C 111 12.79 34.78 -5.16
CA GLY C 111 12.19 35.64 -6.19
C GLY C 111 11.28 34.89 -7.14
N HIS C 112 11.71 33.72 -7.60
CA HIS C 112 10.91 32.94 -8.54
C HIS C 112 9.69 32.29 -7.89
N ILE C 113 9.82 31.87 -6.64
CA ILE C 113 8.68 31.36 -5.87
C ILE C 113 7.61 32.45 -5.69
N LYS C 114 8.06 33.63 -5.30
CA LYS C 114 7.16 34.78 -5.08
C LYS C 114 6.36 35.09 -6.33
N LYS C 115 7.02 34.97 -7.48
CA LYS C 115 6.41 35.20 -8.78
C LYS C 115 5.50 34.07 -9.26
N ASN C 116 5.96 32.82 -9.11
CA ASN C 116 5.33 31.67 -9.78
C ASN C 116 4.42 30.82 -8.91
N CYS C 117 4.73 30.73 -7.62
CA CYS C 117 3.97 29.85 -6.75
C CYS C 117 3.98 30.34 -5.32
N PRO C 118 3.44 31.55 -5.09
CA PRO C 118 3.50 32.13 -3.74
C PRO C 118 2.70 31.37 -2.69
N ASN C 119 1.76 30.53 -3.13
CA ASN C 119 0.94 29.72 -2.22
C ASN C 119 1.40 28.27 -2.12
N ALA C 120 2.58 27.97 -2.65
CA ALA C 120 3.13 26.62 -2.52
C ALA C 120 3.61 26.35 -1.09
N PHE C 121 3.69 25.08 -0.73
CA PHE C 121 4.29 24.66 0.52
C PHE C 121 5.75 24.35 0.22
N ILE C 122 6.63 25.01 0.95
CA ILE C 122 8.06 24.97 0.67
C ILE C 122 8.80 24.16 1.74
N ILE C 123 9.63 23.22 1.30
CA ILE C 123 10.50 22.45 2.21
C ILE C 123 11.94 22.70 1.80
N VAL C 124 12.72 23.26 2.72
CA VAL C 124 14.12 23.57 2.47
C VAL C 124 15.04 22.53 3.09
N VAL C 125 16.00 22.06 2.29
CA VAL C 125 16.98 21.04 2.70
C VAL C 125 18.42 21.57 2.71
N THR C 126 18.67 22.64 1.95
CA THR C 126 20.01 23.24 1.80
C THR C 126 20.62 23.53 3.16
N ASN C 127 21.81 23.00 3.40
CA ASN C 127 22.48 23.12 4.70
C ASN C 127 23.24 24.46 4.81
N PRO C 128 23.33 25.05 6.01
CA PRO C 128 22.69 24.68 7.27
C PRO C 128 21.20 25.07 7.21
N VAL C 129 20.34 24.09 7.41
CA VAL C 129 18.93 24.24 7.07
C VAL C 129 18.25 25.36 7.84
N ASP C 130 18.53 25.45 9.13
CA ASP C 130 17.80 26.38 9.99
C ASP C 130 18.06 27.83 9.58
N VAL C 131 19.25 28.08 9.04
CA VAL C 131 19.58 29.38 8.46
C VAL C 131 18.93 29.54 7.09
N MET C 132 19.16 28.57 6.20
CA MET C 132 18.71 28.68 4.81
C MET C 132 17.20 28.76 4.64
N VAL C 133 16.46 28.02 5.46
CA VAL C 133 15.00 28.08 5.43
C VAL C 133 14.48 29.49 5.78
N GLN C 134 15.10 30.15 6.76
CA GLN C 134 14.69 31.52 7.11
C GLN C 134 15.03 32.51 6.00
N LEU C 135 16.19 32.36 5.39
CA LEU C 135 16.57 33.19 4.25
C LEU C 135 15.57 33.04 3.11
N LEU C 136 15.18 31.81 2.80
CA LEU C 136 14.19 31.61 1.74
C LEU C 136 12.82 32.17 2.14
N HIS C 137 12.48 32.07 3.42
CA HIS C 137 11.24 32.65 3.93
C HIS C 137 11.20 34.16 3.67
N GLN C 138 12.30 34.82 3.99
CA GLN C 138 12.41 36.27 3.86
C GLN C 138 12.45 36.72 2.40
N HIS C 139 13.14 35.98 1.55
CA HIS C 139 13.25 36.34 0.13
C HIS C 139 12.04 35.91 -0.71
N SER C 140 11.28 34.92 -0.25
CA SER C 140 10.13 34.42 -1.02
C SER C 140 8.82 35.09 -0.64
N GLY C 141 8.77 35.64 0.58
CA GLY C 141 7.57 36.28 1.09
C GLY C 141 6.45 35.33 1.50
N VAL C 142 6.70 34.02 1.47
CA VAL C 142 5.64 33.06 1.80
C VAL C 142 5.26 33.13 3.28
N PRO C 143 4.03 32.74 3.61
CA PRO C 143 3.60 32.76 5.01
C PRO C 143 4.41 31.78 5.87
N LYS C 144 4.57 32.11 7.15
CA LYS C 144 5.37 31.29 8.06
C LYS C 144 4.85 29.85 8.22
N ASN C 145 3.55 29.64 8.00
CA ASN C 145 3.00 28.28 8.08
C ASN C 145 3.17 27.47 6.79
N LYS C 146 3.78 28.06 5.77
CA LYS C 146 3.96 27.40 4.47
C LYS C 146 5.40 27.10 4.09
N ILE C 147 6.33 27.28 5.03
CA ILE C 147 7.74 26.99 4.78
C ILE C 147 8.38 26.35 5.99
N ILE C 148 9.02 25.20 5.77
CA ILE C 148 9.72 24.48 6.83
C ILE C 148 11.04 23.92 6.33
N GLY C 149 11.89 23.53 7.27
CA GLY C 149 13.17 22.93 6.97
C GLY C 149 13.20 21.48 7.41
N LEU C 150 13.90 20.65 6.63
CA LEU C 150 14.19 19.28 7.02
C LEU C 150 15.15 19.26 8.18
N GLY C 151 14.84 18.47 9.19
CA GLY C 151 15.75 18.29 10.30
C GLY C 151 15.38 17.08 11.13
N GLY C 152 14.45 17.27 12.04
CA GLY C 152 14.16 16.28 13.08
C GLY C 152 13.62 14.95 12.59
N VAL C 153 12.89 14.95 11.48
CA VAL C 153 12.38 13.69 10.92
C VAL C 153 13.58 12.82 10.51
N LEU C 154 14.57 13.44 9.89
CA LEU C 154 15.77 12.71 9.47
C LEU C 154 16.62 12.30 10.68
N ASP C 155 16.97 13.28 11.51
CA ASP C 155 17.80 13.03 12.68
C ASP C 155 17.19 11.98 13.61
N THR C 156 15.89 12.11 13.91
CA THR C 156 15.23 11.16 14.79
C THR C 156 15.09 9.76 14.15
N SER C 157 15.00 9.67 12.83
CA SER C 157 14.96 8.36 12.16
C SER C 157 16.19 7.52 12.53
N ARG C 158 17.35 8.16 12.62
CA ARG C 158 18.58 7.46 13.02
C ARG C 158 18.49 6.97 14.44
N LEU C 159 18.13 7.87 15.35
CA LEU C 159 18.00 7.56 16.77
C LEU C 159 16.99 6.45 17.01
N LYS C 160 15.80 6.61 16.42
CA LYS C 160 14.75 5.60 16.50
C LYS C 160 15.23 4.25 15.99
N TYR C 161 15.85 4.25 14.81
CA TYR C 161 16.31 3.02 14.22
C TYR C 161 17.35 2.32 15.13
N TYR C 162 18.38 3.04 15.57
CA TYR C 162 19.43 2.41 16.38
C TYR C 162 18.89 1.83 17.69
N ILE C 163 17.96 2.53 18.32
CA ILE C 163 17.34 2.01 19.54
C ILE C 163 16.51 0.75 19.24
N SER C 164 15.75 0.79 18.15
CA SER C 164 14.93 -0.35 17.75
C SER C 164 15.75 -1.62 17.55
N GLN C 165 16.98 -1.46 17.05
CA GLN C 165 17.82 -2.63 16.80
C GLN C 165 18.38 -3.20 18.10
N LYS C 166 18.68 -2.34 19.06
CA LYS C 166 19.12 -2.81 20.37
C LYS C 166 17.98 -3.53 21.11
N LEU C 167 16.76 -2.96 21.05
CA LEU C 167 15.61 -3.53 21.78
C LEU C 167 14.81 -4.59 21.02
N ASN C 168 15.12 -4.77 19.74
N ASN C 168 15.13 -4.78 19.74
CA ASN C 168 14.43 -5.74 18.88
CA ASN C 168 14.45 -5.76 18.87
C ASN C 168 12.93 -5.47 18.77
C ASN C 168 12.95 -5.48 18.75
N VAL C 169 12.61 -4.24 18.40
CA VAL C 169 11.23 -3.83 18.17
C VAL C 169 11.13 -3.15 16.81
N CYS C 170 9.91 -2.98 16.32
CA CYS C 170 9.67 -2.26 15.07
C CYS C 170 10.25 -0.85 15.14
N PRO C 171 11.07 -0.47 14.15
CA PRO C 171 11.70 0.86 14.17
C PRO C 171 10.75 2.02 14.43
N ARG C 172 9.59 2.04 13.78
CA ARG C 172 8.68 3.16 13.99
C ARG C 172 7.93 3.13 15.32
N ASP C 173 8.00 2.02 16.05
CA ASP C 173 7.48 2.00 17.41
C ASP C 173 8.38 2.78 18.40
N VAL C 174 9.60 3.11 18.00
CA VAL C 174 10.42 4.02 18.80
C VAL C 174 10.10 5.45 18.38
N ASN C 175 9.70 6.29 19.33
CA ASN C 175 9.54 7.72 19.03
C ASN C 175 10.57 8.49 19.84
N ALA C 176 11.00 9.61 19.30
CA ALA C 176 12.09 10.38 19.88
C ALA C 176 12.02 11.80 19.36
N HIS C 177 12.61 12.71 20.13
CA HIS C 177 12.63 14.11 19.81
C HIS C 177 14.06 14.61 19.84
N ILE C 178 14.44 15.20 18.71
CA ILE C 178 15.70 15.93 18.54
C ILE C 178 15.31 17.32 18.06
N VAL C 179 15.74 18.35 18.78
CA VAL C 179 15.26 19.71 18.55
C VAL C 179 16.39 20.75 18.49
N GLY C 180 16.00 22.00 18.24
CA GLY C 180 16.91 23.14 18.22
C GLY C 180 17.42 23.46 16.83
N ALA C 181 18.28 22.59 16.32
CA ALA C 181 18.87 22.77 15.00
C ALA C 181 19.25 21.43 14.39
N HIS C 182 19.28 21.40 13.06
CA HIS C 182 19.75 20.23 12.32
C HIS C 182 21.22 20.41 12.04
N GLY C 183 22.06 19.63 12.72
CA GLY C 183 23.50 19.78 12.66
C GLY C 183 24.14 19.40 13.98
N ASN C 184 25.40 19.78 14.17
CA ASN C 184 26.16 19.32 15.34
C ASN C 184 25.63 19.81 16.70
N LYS C 185 24.85 20.88 16.70
CA LYS C 185 24.21 21.35 17.93
C LYS C 185 22.80 20.75 18.15
N MET C 186 22.43 19.72 17.40
CA MET C 186 21.10 19.09 17.59
C MET C 186 20.96 18.66 19.05
N VAL C 187 19.77 18.86 19.61
CA VAL C 187 19.51 18.54 21.01
C VAL C 187 18.71 17.24 21.13
N LEU C 188 19.38 16.19 21.63
CA LEU C 188 18.78 14.88 21.81
C LEU C 188 18.18 14.80 23.21
N LEU C 189 16.88 14.51 23.28
CA LEU C 189 16.15 14.55 24.55
C LEU C 189 15.78 13.15 25.03
N LYS C 190 16.62 12.60 25.91
CA LYS C 190 16.38 11.28 26.48
C LYS C 190 14.99 11.11 27.09
N ARG C 191 14.56 12.15 27.81
CA ARG C 191 13.25 12.15 28.48
C ARG C 191 12.06 11.95 27.53
N TYR C 192 12.22 12.32 26.27
CA TYR C 192 11.15 12.22 25.28
C TYR C 192 11.31 11.04 24.31
N ILE C 193 12.00 9.99 24.74
CA ILE C 193 12.09 8.77 23.96
C ILE C 193 11.09 7.74 24.50
N THR C 194 10.31 7.16 23.60
CA THR C 194 9.36 6.13 23.96
C THR C 194 9.51 4.91 23.05
N VAL C 195 9.01 3.78 23.52
CA VAL C 195 9.04 2.52 22.79
C VAL C 195 7.64 1.94 22.90
N GLY C 196 6.91 1.89 21.78
CA GLY C 196 5.50 1.52 21.82
C GLY C 196 4.70 2.41 22.77
N GLY C 197 5.10 3.67 22.87
CA GLY C 197 4.46 4.63 23.77
C GLY C 197 4.91 4.57 25.23
N ILE C 198 5.83 3.67 25.54
CA ILE C 198 6.33 3.45 26.90
C ILE C 198 7.67 4.17 27.01
N PRO C 199 7.87 4.97 28.07
CA PRO C 199 9.14 5.68 28.16
C PRO C 199 10.35 4.75 28.07
N LEU C 200 11.35 5.16 27.30
CA LEU C 200 12.59 4.39 27.18
C LEU C 200 13.19 4.06 28.55
N GLN C 201 13.05 4.99 29.51
CA GLN C 201 13.57 4.77 30.87
C GLN C 201 13.14 3.43 31.47
N GLU C 202 11.92 2.98 31.19
CA GLU C 202 11.45 1.68 31.69
C GLU C 202 12.38 0.55 31.23
N PHE C 203 12.84 0.63 29.97
CA PHE C 203 13.69 -0.40 29.40
C PHE C 203 15.10 -0.31 30.00
N ILE C 204 15.54 0.90 30.30
CA ILE C 204 16.82 1.11 30.97
C ILE C 204 16.75 0.51 32.37
N ASN C 205 15.69 0.83 33.11
CA ASN C 205 15.48 0.26 34.45
C ASN C 205 15.50 -1.27 34.45
N ASN C 206 14.98 -1.88 33.40
CA ASN C 206 14.97 -3.33 33.24
C ASN C 206 16.24 -3.94 32.66
N LYS C 207 17.24 -3.13 32.47
CA LYS C 207 18.52 -3.54 31.99
C LYS C 207 18.50 -4.09 30.57
N LEU C 208 17.56 -3.64 29.74
CA LEU C 208 17.44 -4.08 28.35
C LEU C 208 18.30 -3.22 27.44
N ILE C 209 18.66 -2.07 27.94
CA ILE C 209 19.61 -1.19 27.32
C ILE C 209 20.27 -0.32 28.39
N SER C 210 21.56 -0.13 28.29
CA SER C 210 22.27 0.65 29.30
C SER C 210 22.39 2.12 28.89
N ASP C 211 22.70 2.97 29.86
CA ASP C 211 22.92 4.39 29.58
C ASP C 211 24.16 4.60 28.72
N ALA C 212 25.16 3.74 28.86
CA ALA C 212 26.37 3.80 28.02
C ALA C 212 26.04 3.49 26.55
N GLU C 213 25.22 2.46 26.34
CA GLU C 213 24.74 2.14 25.01
C GLU C 213 23.95 3.30 24.45
N LEU C 214 23.09 3.88 25.27
CA LEU C 214 22.31 4.99 24.83
C LEU C 214 23.18 6.19 24.46
N GLU C 215 24.21 6.45 25.24
CA GLU C 215 25.10 7.55 24.93
C GLU C 215 25.84 7.32 23.60
N ALA C 216 26.28 6.12 23.40
CA ALA C 216 26.92 5.71 22.16
C ALA C 216 25.99 5.92 20.96
N ILE C 217 24.72 5.55 21.12
CA ILE C 217 23.70 5.76 20.08
C ILE C 217 23.49 7.25 19.82
N PHE C 218 23.47 8.07 20.87
CA PHE C 218 23.36 9.52 20.73
C PHE C 218 24.51 10.08 19.89
N ASP C 219 25.74 9.66 20.23
CA ASP C 219 26.91 10.11 19.49
C ASP C 219 26.83 9.65 18.04
N ARG C 220 26.45 8.40 17.84
CA ARG C 220 26.32 7.86 16.48
C ARG C 220 25.28 8.65 15.67
N THR C 221 24.17 9.02 16.32
CA THR C 221 23.12 9.80 15.65
C THR C 221 23.65 11.15 15.16
N VAL C 222 24.30 11.90 16.05
CA VAL C 222 24.85 13.21 15.69
C VAL C 222 25.85 13.13 14.51
N ASN C 223 26.64 12.06 14.51
CA ASN C 223 27.71 11.88 13.51
C ASN C 223 27.37 10.96 12.34
N THR C 224 26.09 10.64 12.15
CA THR C 224 25.70 9.70 11.09
C THR C 224 26.07 10.19 9.68
N ALA C 225 25.84 11.46 9.40
CA ALA C 225 26.17 12.01 8.09
C ALA C 225 27.66 11.84 7.80
N LEU C 226 28.49 12.17 8.78
CA LEU C 226 29.94 11.99 8.68
C LEU C 226 30.33 10.52 8.49
N GLU C 227 29.74 9.63 9.30
CA GLU C 227 29.99 8.19 9.18
C GLU C 227 29.72 7.70 7.76
N ILE C 228 28.59 8.13 7.21
CA ILE C 228 28.19 7.69 5.87
C ILE C 228 29.13 8.30 4.81
N VAL C 229 29.46 9.59 4.95
CA VAL C 229 30.43 10.23 4.05
C VAL C 229 31.76 9.48 4.04
N ASN C 230 32.25 9.09 5.23
CA ASN C 230 33.49 8.32 5.34
C ASN C 230 33.42 6.92 4.71
N LEU C 231 32.22 6.39 4.55
N LEU C 231 32.23 6.34 4.60
CA LEU C 231 32.00 5.13 3.86
CA LEU C 231 32.09 4.97 4.06
C LEU C 231 31.61 5.31 2.38
C LEU C 231 31.98 4.93 2.53
N HIS C 232 30.95 6.41 2.03
N HIS C 232 32.56 5.91 1.85
CA HIS C 232 30.41 6.58 0.67
CA HIS C 232 32.53 5.97 0.38
C HIS C 232 30.26 8.04 0.22
C HIS C 232 31.10 6.01 -0.17
N ALA C 233 29.17 8.67 0.67
N ALA C 233 30.22 6.66 0.57
CA ALA C 233 28.85 10.02 0.27
CA ALA C 233 28.86 6.92 0.10
C ALA C 233 27.85 10.62 1.24
C ALA C 233 28.44 8.31 0.58
N SER C 234 27.54 11.90 1.06
N SER C 234 27.20 8.67 0.34
CA SER C 234 26.51 12.56 1.82
CA SER C 234 26.65 9.89 0.91
C SER C 234 25.21 11.76 1.67
C SER C 234 25.19 9.66 1.32
N PRO C 235 24.60 11.32 2.79
N PRO C 235 24.71 10.45 2.29
CA PRO C 235 23.39 10.48 2.75
CA PRO C 235 23.34 10.32 2.78
C PRO C 235 22.31 11.04 1.83
C PRO C 235 22.32 11.00 1.88
N TYR C 236 21.51 10.19 1.20
CA TYR C 236 20.43 10.68 0.35
C TYR C 236 19.12 9.90 0.38
N VAL C 237 19.18 8.61 0.70
CA VAL C 237 17.96 7.80 0.71
C VAL C 237 17.06 8.20 1.89
N ALA C 238 17.63 8.25 3.10
CA ALA C 238 16.86 8.61 4.29
C ALA C 238 16.40 10.07 4.27
N PRO C 239 17.29 10.98 3.86
CA PRO C 239 16.82 12.37 3.72
C PRO C 239 15.61 12.47 2.78
N ALA C 240 15.68 11.79 1.63
CA ALA C 240 14.58 11.79 0.66
C ALA C 240 13.29 11.25 1.26
N ALA C 241 13.39 10.15 1.99
CA ALA C 241 12.21 9.54 2.59
C ALA C 241 11.60 10.45 3.67
N ALA C 242 12.47 11.10 4.44
CA ALA C 242 12.02 12.04 5.48
C ALA C 242 11.27 13.21 4.87
N ILE C 243 11.81 13.75 3.78
CA ILE C 243 11.19 14.88 3.07
C ILE C 243 9.83 14.46 2.50
N ILE C 244 9.76 13.27 1.93
CA ILE C 244 8.51 12.80 1.35
C ILE C 244 7.46 12.52 2.44
N GLU C 245 7.87 12.04 3.61
CA GLU C 245 6.94 11.88 4.73
C GLU C 245 6.28 13.22 5.09
N MET C 246 7.10 14.27 5.13
CA MET C 246 6.63 15.62 5.42
C MET C 246 5.67 16.12 4.34
N ALA C 247 6.07 15.99 3.07
CA ALA C 247 5.27 16.43 1.94
C ALA C 247 3.95 15.68 1.84
N GLU C 248 4.00 14.37 2.12
CA GLU C 248 2.80 13.53 2.12
C GLU C 248 1.80 13.96 3.20
N SER C 249 2.30 14.30 4.39
CA SER C 249 1.43 14.76 5.47
C SER C 249 0.67 16.00 5.06
N TYR C 250 1.37 16.94 4.41
CA TYR C 250 0.76 18.14 3.88
C TYR C 250 -0.28 17.80 2.83
N LEU C 251 0.14 17.05 1.82
CA LEU C 251 -0.70 16.78 0.65
C LEU C 251 -1.95 15.95 0.93
N LYS C 252 -1.83 15.00 1.86
CA LYS C 252 -2.93 14.12 2.23
C LYS C 252 -3.67 14.57 3.50
N ASP C 253 -3.30 15.73 4.03
CA ASP C 253 -3.89 16.27 5.28
C ASP C 253 -3.89 15.23 6.40
N LEU C 254 -2.73 14.62 6.62
CA LEU C 254 -2.60 13.58 7.63
C LEU C 254 -2.51 14.13 9.05
N LYS C 255 -2.01 15.36 9.19
CA LYS C 255 -1.86 16.00 10.50
C LYS C 255 -0.92 15.20 11.41
N LYS C 256 0.14 14.66 10.80
CA LYS C 256 1.18 14.00 11.55
C LYS C 256 1.96 14.99 12.38
N VAL C 257 2.41 14.54 13.55
CA VAL C 257 3.31 15.31 14.39
C VAL C 257 4.72 14.95 13.93
N LEU C 258 5.40 15.91 13.33
CA LEU C 258 6.71 15.72 12.73
C LEU C 258 7.61 16.89 13.15
N ILE C 259 8.86 16.59 13.49
CA ILE C 259 9.80 17.63 13.92
C ILE C 259 10.48 18.28 12.72
N CYS C 260 10.29 19.59 12.58
CA CYS C 260 10.78 20.36 11.43
C CYS C 260 11.28 21.73 11.89
N SER C 261 12.12 22.35 11.07
CA SER C 261 12.59 23.71 11.35
C SER C 261 11.49 24.68 10.97
N THR C 262 11.03 25.45 11.96
CA THR C 262 9.89 26.34 11.76
C THR C 262 10.15 27.68 12.46
N LEU C 263 9.42 28.72 12.07
CA LEU C 263 9.63 30.05 12.64
C LEU C 263 9.20 30.07 14.09
N LEU C 264 10.13 30.45 14.97
CA LEU C 264 9.81 30.59 16.39
C LEU C 264 9.35 32.02 16.64
N GLU C 265 8.25 32.14 17.40
CA GLU C 265 7.67 33.44 17.75
C GLU C 265 7.46 33.51 19.25
N GLY C 266 8.51 33.22 20.01
CA GLY C 266 8.44 33.22 21.47
C GLY C 266 8.64 31.85 22.09
N GLN C 267 8.34 30.78 21.36
CA GLN C 267 8.54 29.42 21.88
C GLN C 267 9.99 29.26 22.32
N TYR C 268 10.18 28.62 23.47
CA TYR C 268 11.49 28.42 24.08
C TYR C 268 12.22 29.75 24.39
N GLY C 269 11.48 30.86 24.44
CA GLY C 269 12.06 32.19 24.64
C GLY C 269 12.81 32.77 23.45
N HIS C 270 12.52 32.28 22.24
CA HIS C 270 13.22 32.72 21.03
C HIS C 270 12.26 33.24 19.97
N SER C 271 12.74 34.18 19.19
CA SER C 271 11.98 34.69 18.09
C SER C 271 12.86 35.18 16.96
N ASP C 272 12.22 35.56 15.86
CA ASP C 272 12.88 35.95 14.63
C ASP C 272 13.96 34.98 14.19
N ILE C 273 13.72 33.70 14.43
CA ILE C 273 14.66 32.67 14.05
C ILE C 273 13.89 31.37 13.82
N PHE C 274 14.42 30.49 12.99
CA PHE C 274 13.85 29.17 12.77
C PHE C 274 14.62 28.15 13.64
N GLY C 275 13.91 27.17 14.17
CA GLY C 275 14.53 26.10 14.92
C GLY C 275 13.67 24.84 14.85
N GLY C 276 14.31 23.70 15.11
CA GLY C 276 13.62 22.41 15.14
C GLY C 276 12.71 22.24 16.34
N THR C 277 11.45 21.93 16.07
CA THR C 277 10.47 21.63 17.10
C THR C 277 9.36 20.79 16.46
N PRO C 278 8.66 19.96 17.26
CA PRO C 278 7.51 19.24 16.69
C PRO C 278 6.43 20.18 16.18
N VAL C 279 5.93 19.89 14.98
CA VAL C 279 4.82 20.62 14.39
C VAL C 279 3.78 19.63 13.91
N VAL C 280 2.58 20.12 13.62
CA VAL C 280 1.53 19.33 12.99
C VAL C 280 1.41 19.77 11.54
N LEU C 281 1.60 18.83 10.61
CA LEU C 281 1.54 19.13 9.18
C LEU C 281 0.28 18.58 8.55
N GLY C 282 -0.53 19.46 7.98
CA GLY C 282 -1.75 19.08 7.27
C GLY C 282 -2.02 20.03 6.12
N ALA C 283 -3.26 20.02 5.62
CA ALA C 283 -3.62 20.76 4.42
C ALA C 283 -3.37 22.27 4.55
N ASN C 284 -3.36 22.80 5.77
CA ASN C 284 -3.07 24.22 5.98
C ASN C 284 -1.62 24.51 6.30
N GLY C 285 -0.73 23.55 6.03
CA GLY C 285 0.70 23.71 6.26
C GLY C 285 1.05 23.37 7.68
N VAL C 286 1.84 24.21 8.33
CA VAL C 286 2.12 24.09 9.76
C VAL C 286 0.86 24.56 10.50
N GLU C 287 0.09 23.58 10.95
CA GLU C 287 -1.17 23.79 11.62
C GLU C 287 -1.02 24.08 13.07
N GLN C 288 -0.01 23.49 13.69
CA GLN C 288 0.33 23.73 15.05
C GLN C 288 1.84 23.68 15.24
N VAL C 289 2.32 24.53 16.13
CA VAL C 289 3.70 24.49 16.56
C VAL C 289 3.73 24.07 18.02
N ILE C 290 4.32 22.92 18.27
CA ILE C 290 4.31 22.38 19.60
C ILE C 290 5.57 22.71 20.39
N GLU C 291 5.42 23.34 21.52
CA GLU C 291 6.56 23.73 22.32
C GLU C 291 6.73 22.71 23.44
N LEU C 292 7.82 21.96 23.39
CA LEU C 292 8.10 20.99 24.44
C LEU C 292 8.39 21.74 25.74
N GLN C 293 7.90 21.18 26.84
CA GLN C 293 8.09 21.81 28.15
C GLN C 293 9.41 21.32 28.75
N LEU C 294 10.48 21.90 28.22
CA LEU C 294 11.83 21.51 28.55
C LEU C 294 12.20 21.99 29.96
N ASN C 295 13.03 21.22 30.65
CA ASN C 295 13.63 21.68 31.90
C ASN C 295 14.82 22.59 31.60
N SER C 296 15.40 23.18 32.65
CA SER C 296 16.45 24.19 32.49
C SER C 296 17.68 23.68 31.72
N GLU C 297 18.08 22.44 31.95
CA GLU C 297 19.26 21.87 31.29
C GLU C 297 19.01 21.60 29.80
N GLU C 298 17.82 21.10 29.48
CA GLU C 298 17.43 20.86 28.08
C GLU C 298 17.33 22.20 27.35
N LYS C 299 16.73 23.16 28.03
CA LYS C 299 16.56 24.51 27.50
C LYS C 299 17.89 25.20 27.20
N ALA C 300 18.91 24.93 28.04
CA ALA C 300 20.24 25.50 27.83
C ALA C 300 20.88 24.95 26.55
N LYS C 301 20.68 23.66 26.27
CA LYS C 301 21.17 23.06 25.03
C LYS C 301 20.42 23.61 23.81
N PHE C 302 19.12 23.83 23.97
CA PHE C 302 18.32 24.47 22.93
C PHE C 302 18.87 25.85 22.57
N ASP C 303 19.17 26.64 23.60
CA ASP C 303 19.71 28.00 23.40
C ASP C 303 21.04 27.96 22.64
N GLU C 304 21.89 26.97 22.94
CA GLU C 304 23.18 26.79 22.22
C GLU C 304 22.96 26.51 20.74
N ALA C 305 21.92 25.73 20.41
CA ALA C 305 21.60 25.43 19.02
C ALA C 305 21.17 26.70 18.29
N ILE C 306 20.29 27.47 18.92
CA ILE C 306 19.79 28.72 18.34
C ILE C 306 20.93 29.73 18.16
N ALA C 307 21.80 29.84 19.17
CA ALA C 307 22.96 30.74 19.10
C ALA C 307 23.79 30.49 17.84
N GLU C 308 24.01 29.22 17.52
CA GLU C 308 24.80 28.83 16.36
C GLU C 308 24.09 29.18 15.05
N THR C 309 22.78 28.93 14.99
CA THR C 309 21.99 29.33 13.83
C THR C 309 22.09 30.85 13.60
N LYS C 310 21.90 31.62 14.68
CA LYS C 310 22.04 33.09 14.62
C LYS C 310 23.44 33.54 14.20
N ARG C 311 24.47 32.84 14.68
CA ARG C 311 25.84 33.14 14.28
C ARG C 311 26.02 32.98 12.77
N MET C 312 25.56 31.85 12.24
CA MET C 312 25.70 31.58 10.82
C MET C 312 24.79 32.48 9.97
N LYS C 313 23.64 32.85 10.52
CA LYS C 313 22.73 33.76 9.82
C LYS C 313 23.37 35.14 9.62
N ALA C 314 24.10 35.61 10.63
CA ALA C 314 24.83 36.88 10.53
C ALA C 314 25.88 36.82 9.41
N LEU C 315 26.59 35.70 9.32
CA LEU C 315 27.58 35.49 8.25
C LEU C 315 26.96 35.35 6.86
N ALA C 316 25.74 34.80 6.79
CA ALA C 316 25.04 34.68 5.51
C ALA C 316 24.73 36.06 4.92
N HIS C 317 24.28 36.98 5.77
CA HIS C 317 23.99 38.35 5.34
C HIS C 317 25.29 39.12 5.11
N ALA D 2 6.89 -17.26 9.71
CA ALA D 2 8.20 -17.46 9.02
C ALA D 2 9.12 -16.27 9.24
N PRO D 3 10.46 -16.50 9.27
CA PRO D 3 11.32 -15.34 9.26
C PRO D 3 11.32 -14.70 7.87
N LYS D 4 11.80 -13.47 7.79
CA LYS D 4 11.72 -12.73 6.53
C LYS D 4 12.54 -13.43 5.45
N ALA D 5 12.17 -13.19 4.20
CA ALA D 5 13.03 -13.56 3.07
C ALA D 5 14.36 -12.82 3.20
N LYS D 6 15.42 -13.40 2.67
CA LYS D 6 16.74 -12.77 2.62
C LYS D 6 17.08 -12.53 1.15
N ILE D 7 17.30 -11.26 0.82
CA ILE D 7 17.57 -10.88 -0.55
C ILE D 7 19.00 -10.36 -0.61
N VAL D 8 19.83 -10.98 -1.45
CA VAL D 8 21.23 -10.58 -1.58
C VAL D 8 21.45 -9.92 -2.93
N LEU D 9 21.85 -8.65 -2.89
CA LEU D 9 22.13 -7.87 -4.09
C LEU D 9 23.63 -7.98 -4.34
N VAL D 10 23.98 -8.84 -5.29
CA VAL D 10 25.38 -9.00 -5.70
C VAL D 10 25.70 -7.85 -6.66
N GLY D 11 26.23 -6.77 -6.11
CA GLY D 11 26.41 -5.52 -6.82
C GLY D 11 25.56 -4.46 -6.15
N SER D 12 26.21 -3.42 -5.64
CA SER D 12 25.55 -2.39 -4.86
C SER D 12 25.73 -1.01 -5.48
N GLY D 13 25.70 -0.96 -6.82
CA GLY D 13 25.73 0.31 -7.54
C GLY D 13 24.42 1.08 -7.43
N MET D 14 24.21 2.06 -8.29
CA MET D 14 22.98 2.86 -8.21
C MET D 14 21.71 1.99 -8.33
N ILE D 15 21.74 1.00 -9.22
CA ILE D 15 20.63 0.05 -9.37
C ILE D 15 20.37 -0.69 -8.04
N GLY D 16 21.42 -1.16 -7.39
CA GLY D 16 21.30 -1.79 -6.09
C GLY D 16 20.71 -0.91 -5.00
N GLY D 17 21.10 0.33 -4.97
CA GLY D 17 20.55 1.28 -4.03
C GLY D 17 19.05 1.43 -4.21
N VAL D 18 18.61 1.56 -5.46
CA VAL D 18 17.20 1.67 -5.72
C VAL D 18 16.49 0.39 -5.27
N MET D 19 17.02 -0.76 -5.65
CA MET D 19 16.43 -2.03 -5.21
C MET D 19 16.30 -2.13 -3.70
N ALA D 20 17.34 -1.76 -2.96
CA ALA D 20 17.30 -1.81 -1.50
C ALA D 20 16.22 -0.86 -0.94
N THR D 21 16.15 0.35 -1.50
CA THR D 21 15.14 1.32 -1.14
C THR D 21 13.75 0.76 -1.30
N LEU D 22 13.47 0.20 -2.48
CA LEU D 22 12.14 -0.34 -2.78
C LEU D 22 11.80 -1.56 -1.93
N ILE D 23 12.79 -2.40 -1.65
CA ILE D 23 12.60 -3.56 -0.77
C ILE D 23 12.11 -3.12 0.63
N VAL D 24 12.74 -2.10 1.20
CA VAL D 24 12.32 -1.55 2.50
C VAL D 24 10.91 -0.92 2.41
N GLN D 25 10.65 -0.14 1.36
CA GLN D 25 9.32 0.46 1.16
C GLN D 25 8.21 -0.59 1.14
N LYS D 26 8.50 -1.75 0.55
CA LYS D 26 7.52 -2.82 0.41
C LYS D 26 7.62 -3.88 1.52
N ASN D 27 8.54 -3.68 2.47
CA ASN D 27 8.82 -4.65 3.54
C ASN D 27 8.99 -6.08 3.02
N LEU D 28 9.75 -6.22 1.94
N LEU D 28 9.71 -6.23 1.91
CA LEU D 28 9.80 -7.48 1.19
CA LEU D 28 9.79 -7.52 1.20
C LEU D 28 10.77 -8.51 1.76
C LEU D 28 10.68 -8.53 1.90
N GLY D 29 11.68 -8.05 2.63
CA GLY D 29 12.63 -8.95 3.25
C GLY D 29 13.91 -8.25 3.63
N ASP D 30 14.75 -8.96 4.38
CA ASP D 30 16.03 -8.42 4.78
C ASP D 30 16.89 -8.33 3.51
N VAL D 31 17.82 -7.37 3.50
CA VAL D 31 18.63 -7.00 2.35
C VAL D 31 20.11 -6.99 2.64
N VAL D 32 20.88 -7.62 1.78
CA VAL D 32 22.33 -7.53 1.86
C VAL D 32 22.86 -6.84 0.61
N LEU D 33 23.54 -5.71 0.80
CA LEU D 33 24.20 -5.01 -0.29
C LEU D 33 25.62 -5.52 -0.36
N PHE D 34 25.87 -6.45 -1.27
CA PHE D 34 27.21 -7.00 -1.47
C PHE D 34 27.93 -6.25 -2.58
N ASP D 35 29.22 -6.01 -2.39
CA ASP D 35 30.02 -5.49 -3.48
C ASP D 35 31.50 -5.83 -3.26
N ILE D 36 32.29 -5.59 -4.31
CA ILE D 36 33.72 -5.89 -4.31
C ILE D 36 34.57 -4.67 -3.95
N VAL D 37 33.93 -3.64 -3.37
CA VAL D 37 34.62 -2.53 -2.75
C VAL D 37 34.22 -2.50 -1.28
N LYS D 38 35.14 -2.08 -0.42
CA LYS D 38 35.01 -2.30 1.02
C LYS D 38 33.92 -1.47 1.67
N ASN D 39 33.98 -0.16 1.53
CA ASN D 39 33.18 0.71 2.37
C ASN D 39 31.78 1.06 1.82
N MET D 40 31.70 1.24 0.51
CA MET D 40 30.49 1.78 -0.11
C MET D 40 29.20 1.02 0.22
N PRO D 41 29.20 -0.32 0.14
CA PRO D 41 27.94 -1.03 0.45
C PRO D 41 27.47 -0.84 1.88
N HIS D 42 28.40 -0.71 2.83
CA HIS D 42 28.04 -0.42 4.22
C HIS D 42 27.46 0.98 4.37
N GLY D 43 28.00 1.95 3.62
CA GLY D 43 27.49 3.31 3.63
C GLY D 43 26.06 3.37 3.12
N LYS D 44 25.83 2.78 1.95
CA LYS D 44 24.49 2.71 1.37
C LYS D 44 23.51 1.96 2.27
N ALA D 45 23.94 0.82 2.83
CA ALA D 45 23.12 0.05 3.76
C ALA D 45 22.67 0.87 4.97
N LEU D 46 23.60 1.61 5.58
CA LEU D 46 23.29 2.42 6.75
C LEU D 46 22.23 3.48 6.40
N ASP D 47 22.49 4.21 5.33
CA ASP D 47 21.55 5.23 4.82
C ASP D 47 20.14 4.64 4.61
N THR D 48 20.07 3.51 3.91
CA THR D 48 18.78 2.90 3.60
C THR D 48 18.07 2.33 4.83
N SER D 49 18.85 1.79 5.78
CA SER D 49 18.26 1.16 6.98
C SER D 49 17.37 2.13 7.76
N HIS D 50 17.74 3.41 7.77
CA HIS D 50 16.97 4.43 8.49
C HIS D 50 15.56 4.59 7.94
N THR D 51 15.37 4.26 6.65
CA THR D 51 14.06 4.42 6.01
C THR D 51 13.01 3.43 6.52
N ASN D 52 13.42 2.40 7.25
CA ASN D 52 12.43 1.56 7.95
C ASN D 52 11.47 2.39 8.80
N VAL D 53 11.98 3.45 9.42
CA VAL D 53 11.16 4.31 10.27
C VAL D 53 10.07 4.98 9.44
N MET D 54 10.48 5.63 8.34
CA MET D 54 9.54 6.33 7.45
C MET D 54 8.55 5.36 6.80
N ALA D 55 8.98 4.13 6.53
CA ALA D 55 8.18 3.16 5.80
C ALA D 55 7.27 2.26 6.66
N TYR D 56 7.41 2.36 7.98
N TYR D 56 7.40 2.32 7.98
CA TYR D 56 6.81 1.43 8.95
CA TYR D 56 6.68 1.39 8.86
C TYR D 56 7.13 -0.03 8.60
C TYR D 56 7.13 -0.06 8.66
N SER D 57 8.38 -0.26 8.21
CA SER D 57 8.88 -1.59 7.86
C SER D 57 9.86 -2.10 8.91
N ASN D 58 10.26 -3.36 8.76
CA ASN D 58 11.31 -3.91 9.60
C ASN D 58 12.16 -4.88 8.81
N CYS D 59 12.92 -4.33 7.88
CA CYS D 59 13.86 -5.10 7.05
C CYS D 59 15.27 -4.70 7.43
N LYS D 60 16.11 -5.68 7.74
CA LYS D 60 17.53 -5.40 7.99
C LYS D 60 18.18 -5.06 6.65
N VAL D 61 19.06 -4.08 6.67
CA VAL D 61 19.84 -3.72 5.49
C VAL D 61 21.29 -3.69 5.93
N SER D 62 22.10 -4.57 5.35
CA SER D 62 23.50 -4.71 5.72
C SER D 62 24.38 -4.62 4.50
N GLY D 63 25.58 -4.11 4.68
CA GLY D 63 26.61 -4.17 3.65
C GLY D 63 27.39 -5.46 3.80
N SER D 64 27.99 -5.92 2.72
CA SER D 64 28.80 -7.08 2.75
C SER D 64 29.92 -7.04 1.74
N ASN D 65 31.08 -7.57 2.14
CA ASN D 65 32.17 -7.80 1.22
C ASN D 65 32.51 -9.27 1.05
N THR D 66 31.62 -10.15 1.47
CA THR D 66 31.88 -11.57 1.47
C THR D 66 30.76 -12.42 0.86
N TYR D 67 31.12 -13.32 -0.04
CA TYR D 67 30.14 -14.23 -0.63
C TYR D 67 29.55 -15.21 0.40
N ASP D 68 30.16 -15.29 1.58
CA ASP D 68 29.60 -16.12 2.65
C ASP D 68 28.20 -15.62 3.03
N ASP D 69 27.92 -14.35 2.78
CA ASP D 69 26.58 -13.82 3.06
C ASP D 69 25.49 -14.31 2.08
N LEU D 70 25.88 -15.07 1.06
CA LEU D 70 24.90 -15.78 0.24
C LEU D 70 24.22 -16.93 0.99
N ALA D 71 24.83 -17.40 2.07
CA ALA D 71 24.23 -18.45 2.90
C ALA D 71 22.86 -17.99 3.38
N GLY D 72 21.85 -18.82 3.12
CA GLY D 72 20.49 -18.50 3.54
C GLY D 72 19.71 -17.57 2.61
N ALA D 73 20.31 -17.19 1.48
CA ALA D 73 19.64 -16.29 0.53
C ALA D 73 18.44 -16.97 -0.12
N ASP D 74 17.33 -16.24 -0.21
CA ASP D 74 16.15 -16.71 -0.92
C ASP D 74 16.12 -16.17 -2.36
N VAL D 75 16.59 -14.94 -2.52
CA VAL D 75 16.71 -14.30 -3.83
C VAL D 75 18.09 -13.68 -3.95
N VAL D 76 18.72 -13.87 -5.11
CA VAL D 76 20.03 -13.31 -5.40
C VAL D 76 19.91 -12.55 -6.71
N ILE D 77 20.24 -11.26 -6.67
CA ILE D 77 20.15 -10.37 -7.82
C ILE D 77 21.56 -9.93 -8.24
N VAL D 78 21.97 -10.32 -9.45
CA VAL D 78 23.33 -10.13 -9.91
C VAL D 78 23.41 -8.97 -10.90
N THR D 79 24.00 -7.86 -10.45
CA THR D 79 24.29 -6.70 -11.30
C THR D 79 25.80 -6.46 -11.42
N ALA D 80 26.62 -7.29 -10.77
CA ALA D 80 28.06 -7.11 -10.78
C ALA D 80 28.60 -7.36 -12.19
N GLY D 81 29.76 -6.79 -12.48
CA GLY D 81 30.42 -6.99 -13.76
C GLY D 81 30.97 -5.71 -14.35
N PHE D 82 31.79 -5.85 -15.39
CA PHE D 82 32.34 -4.71 -16.11
C PHE D 82 31.26 -4.01 -16.92
N THR D 83 31.34 -2.69 -16.97
CA THR D 83 30.48 -1.87 -17.78
C THR D 83 31.35 -0.94 -18.62
N ARG D 95 32.63 -3.15 -26.61
CA ARG D 95 31.65 -3.75 -25.71
C ARG D 95 31.78 -5.28 -25.67
N ASP D 96 31.90 -5.90 -26.85
CA ASP D 96 32.11 -7.34 -26.96
C ASP D 96 33.40 -7.80 -26.28
N ASP D 97 34.35 -6.88 -26.11
CA ASP D 97 35.59 -7.17 -25.39
C ASP D 97 35.33 -7.58 -23.92
N LEU D 98 34.25 -7.09 -23.33
CA LEU D 98 33.92 -7.39 -21.94
C LEU D 98 33.35 -8.80 -21.73
N LEU D 99 32.91 -9.45 -22.80
CA LEU D 99 32.20 -10.74 -22.69
C LEU D 99 32.96 -11.84 -21.92
N PRO D 100 34.22 -12.15 -22.31
CA PRO D 100 34.93 -13.18 -21.54
C PRO D 100 35.33 -12.73 -20.13
N LEU D 101 35.50 -11.43 -19.93
CA LEU D 101 35.77 -10.88 -18.60
C LEU D 101 34.58 -11.09 -17.66
N ASN D 102 33.39 -10.79 -18.16
CA ASN D 102 32.20 -10.95 -17.35
C ASN D 102 31.84 -12.42 -17.18
N ASN D 103 32.20 -13.27 -18.13
CA ASN D 103 32.06 -14.71 -17.97
C ASN D 103 32.90 -15.20 -16.80
N LYS D 104 34.10 -14.66 -16.65
CA LYS D 104 34.97 -15.00 -15.54
C LYS D 104 34.32 -14.60 -14.21
N ILE D 105 33.66 -13.45 -14.19
CA ILE D 105 32.92 -13.02 -13.01
C ILE D 105 31.74 -13.98 -12.74
N MET D 106 31.04 -14.42 -13.79
CA MET D 106 29.94 -15.37 -13.62
C MET D 106 30.44 -16.75 -13.10
N ILE D 107 31.64 -17.14 -13.49
CA ILE D 107 32.25 -18.36 -12.97
C ILE D 107 32.46 -18.26 -11.46
N GLU D 108 33.00 -17.14 -11.00
CA GLU D 108 33.19 -16.94 -9.56
C GLU D 108 31.86 -16.86 -8.80
N ILE D 109 30.95 -16.01 -9.26
CA ILE D 109 29.65 -15.89 -8.59
C ILE D 109 28.90 -17.21 -8.59
N GLY D 110 28.94 -17.92 -9.71
CA GLY D 110 28.25 -19.20 -9.85
C GLY D 110 28.78 -20.24 -8.86
N GLY D 111 30.10 -20.26 -8.70
CA GLY D 111 30.73 -21.14 -7.71
C GLY D 111 30.27 -20.88 -6.29
N HIS D 112 30.15 -19.61 -5.92
CA HIS D 112 29.70 -19.25 -4.56
C HIS D 112 28.20 -19.51 -4.38
N ILE D 113 27.41 -19.32 -5.43
CA ILE D 113 25.99 -19.70 -5.38
C ILE D 113 25.84 -21.22 -5.19
N LYS D 114 26.57 -21.98 -6.00
CA LYS D 114 26.57 -23.44 -5.87
C LYS D 114 26.88 -23.86 -4.44
N LYS D 115 27.87 -23.21 -3.84
CA LYS D 115 28.32 -23.58 -2.51
C LYS D 115 27.37 -23.14 -1.41
N ASN D 116 26.87 -21.90 -1.50
CA ASN D 116 26.19 -21.25 -0.38
C ASN D 116 24.67 -21.21 -0.47
N CYS D 117 24.11 -21.18 -1.68
CA CYS D 117 22.66 -21.06 -1.85
C CYS D 117 22.19 -21.72 -3.15
N PRO D 118 22.39 -23.04 -3.26
CA PRO D 118 22.14 -23.74 -4.52
C PRO D 118 20.68 -23.75 -4.98
N ASN D 119 19.74 -23.42 -4.10
CA ASN D 119 18.32 -23.41 -4.47
C ASN D 119 17.67 -22.02 -4.36
N ALA D 120 18.48 -20.98 -4.27
CA ALA D 120 17.98 -19.61 -4.28
C ALA D 120 17.46 -19.26 -5.67
N PHE D 121 16.53 -18.30 -5.72
CA PHE D 121 16.02 -17.78 -6.97
C PHE D 121 16.97 -16.68 -7.44
N ILE D 122 17.51 -16.86 -8.64
CA ILE D 122 18.58 -16.00 -9.16
C ILE D 122 18.03 -15.12 -10.28
N ILE D 123 18.21 -13.82 -10.15
CA ILE D 123 17.86 -12.88 -11.21
C ILE D 123 19.14 -12.21 -11.71
N VAL D 124 19.46 -12.41 -12.99
CA VAL D 124 20.67 -11.86 -13.58
C VAL D 124 20.37 -10.60 -14.38
N VAL D 125 21.15 -9.55 -14.13
CA VAL D 125 20.98 -8.27 -14.79
C VAL D 125 22.18 -7.92 -15.67
N THR D 126 23.35 -8.48 -15.36
CA THR D 126 24.59 -8.16 -16.07
C THR D 126 24.42 -8.32 -17.58
N ASN D 127 24.71 -7.26 -18.33
CA ASN D 127 24.52 -7.23 -19.77
C ASN D 127 25.69 -7.89 -20.54
N PRO D 128 25.41 -8.52 -21.70
CA PRO D 128 24.10 -8.81 -22.29
C PRO D 128 23.42 -9.94 -21.52
N VAL D 129 22.22 -9.67 -21.04
N VAL D 129 22.22 -9.65 -21.02
CA VAL D 129 21.60 -10.51 -20.04
CA VAL D 129 21.54 -10.50 -20.06
C VAL D 129 21.31 -11.95 -20.49
C VAL D 129 21.36 -11.94 -20.51
N ASP D 130 20.88 -12.12 -21.73
CA ASP D 130 20.50 -13.45 -22.22
C ASP D 130 21.72 -14.38 -22.33
N VAL D 131 22.88 -13.79 -22.56
CA VAL D 131 24.15 -14.53 -22.50
C VAL D 131 24.53 -14.79 -21.05
N MET D 132 24.59 -13.72 -20.26
CA MET D 132 25.13 -13.82 -18.90
C MET D 132 24.30 -14.73 -18.00
N VAL D 133 22.98 -14.73 -18.17
CA VAL D 133 22.11 -15.58 -17.36
C VAL D 133 22.38 -17.06 -17.63
N GLN D 134 22.59 -17.42 -18.90
CA GLN D 134 22.90 -18.82 -19.21
C GLN D 134 24.27 -19.20 -18.67
N LEU D 135 25.24 -18.30 -18.81
CA LEU D 135 26.56 -18.55 -18.25
C LEU D 135 26.48 -18.82 -16.74
N LEU D 136 25.75 -17.97 -16.01
CA LEU D 136 25.58 -18.18 -14.57
C LEU D 136 24.82 -19.48 -14.28
N HIS D 137 23.83 -19.81 -15.09
CA HIS D 137 23.11 -21.07 -14.96
C HIS D 137 24.08 -22.26 -15.04
N GLN D 138 24.91 -22.26 -16.08
CA GLN D 138 25.92 -23.31 -16.29
C GLN D 138 26.97 -23.36 -15.18
N HIS D 139 27.41 -22.20 -14.68
CA HIS D 139 28.47 -22.15 -13.66
C HIS D 139 27.95 -22.33 -12.22
N SER D 140 26.64 -22.23 -12.00
CA SER D 140 26.06 -22.35 -10.66
C SER D 140 25.40 -23.70 -10.42
N GLY D 141 24.93 -24.33 -11.51
CA GLY D 141 24.18 -25.58 -11.41
C GLY D 141 22.77 -25.44 -10.86
N VAL D 142 22.25 -24.22 -10.72
CA VAL D 142 20.88 -24.03 -10.20
C VAL D 142 19.87 -24.57 -11.22
N PRO D 143 18.73 -25.11 -10.74
CA PRO D 143 17.72 -25.60 -11.66
C PRO D 143 17.18 -24.50 -12.58
N LYS D 144 16.77 -24.89 -13.78
CA LYS D 144 16.28 -23.97 -14.81
C LYS D 144 15.06 -23.15 -14.38
N ASN D 145 14.29 -23.65 -13.42
CA ASN D 145 13.13 -22.89 -12.89
C ASN D 145 13.52 -21.84 -11.86
N LYS D 146 14.80 -21.76 -11.49
CA LYS D 146 15.25 -20.85 -10.44
C LYS D 146 16.24 -19.79 -10.89
N ILE D 147 16.39 -19.60 -12.21
CA ILE D 147 17.29 -18.57 -12.71
C ILE D 147 16.69 -17.90 -13.94
N ILE D 148 16.57 -16.57 -13.87
CA ILE D 148 16.03 -15.79 -14.96
C ILE D 148 16.83 -14.52 -15.16
N GLY D 149 16.62 -13.90 -16.31
CA GLY D 149 17.29 -12.67 -16.65
C GLY D 149 16.29 -11.55 -16.81
N LEU D 150 16.70 -10.35 -16.38
CA LEU D 150 15.92 -9.15 -16.58
C LEU D 150 15.90 -8.82 -18.07
N GLY D 151 14.72 -8.52 -18.59
CA GLY D 151 14.64 -7.96 -19.94
C GLY D 151 13.28 -7.36 -20.22
N GLY D 152 12.31 -8.21 -20.53
CA GLY D 152 11.02 -7.79 -21.01
C GLY D 152 10.24 -6.86 -20.09
N VAL D 153 10.33 -7.07 -18.78
CA VAL D 153 9.59 -6.21 -17.85
C VAL D 153 10.07 -4.77 -18.00
N LEU D 154 11.38 -4.59 -18.15
CA LEU D 154 11.96 -3.26 -18.35
C LEU D 154 11.63 -2.67 -19.72
N ASP D 155 11.88 -3.44 -20.78
CA ASP D 155 11.69 -2.96 -22.15
C ASP D 155 10.21 -2.61 -22.41
N THR D 156 9.30 -3.47 -21.95
CA THR D 156 7.87 -3.21 -22.13
C THR D 156 7.39 -2.06 -21.26
N SER D 157 8.02 -1.81 -20.11
CA SER D 157 7.63 -0.64 -19.29
C SER D 157 7.79 0.64 -20.11
N ARG D 158 8.84 0.72 -20.92
CA ARG D 158 9.06 1.87 -21.79
C ARG D 158 7.97 1.99 -22.84
N LEU D 159 7.71 0.88 -23.53
CA LEU D 159 6.71 0.84 -24.60
C LEU D 159 5.31 1.15 -24.05
N LYS D 160 4.98 0.49 -22.94
CA LYS D 160 3.71 0.71 -22.23
C LYS D 160 3.55 2.19 -21.85
N TYR D 161 4.59 2.75 -21.22
CA TYR D 161 4.51 4.13 -20.78
C TYR D 161 4.29 5.10 -21.95
N TYR D 162 5.08 4.97 -23.03
CA TYR D 162 4.97 5.93 -24.14
C TYR D 162 3.60 5.87 -24.81
N ILE D 163 3.07 4.66 -24.97
CA ILE D 163 1.75 4.49 -25.55
C ILE D 163 0.72 5.14 -24.63
N SER D 164 0.88 4.93 -23.32
CA SER D 164 -0.09 5.47 -22.36
C SER D 164 -0.16 7.01 -22.39
N GLN D 165 1.00 7.64 -22.61
N GLN D 165 0.97 7.67 -22.65
CA GLN D 165 1.11 9.10 -22.76
CA GLN D 165 0.97 9.14 -22.68
C GLN D 165 0.27 9.57 -23.93
C GLN D 165 0.42 9.71 -24.00
N LYS D 166 0.46 8.92 -25.08
CA LYS D 166 -0.24 9.28 -26.32
C LYS D 166 -1.77 9.15 -26.17
N LEU D 167 -2.21 8.06 -25.54
CA LEU D 167 -3.63 7.75 -25.40
C LEU D 167 -4.30 8.29 -24.12
N ASN D 168 -3.48 8.80 -23.19
N ASN D 168 -3.51 8.83 -23.20
CA ASN D 168 -3.97 9.41 -21.95
CA ASN D 168 -4.02 9.42 -21.95
C ASN D 168 -4.75 8.42 -21.09
C ASN D 168 -4.77 8.40 -21.10
N VAL D 169 -4.11 7.29 -20.82
CA VAL D 169 -4.65 6.24 -19.97
C VAL D 169 -3.59 5.87 -18.94
N CYS D 170 -4.01 5.13 -17.93
CA CYS D 170 -3.08 4.66 -16.89
C CYS D 170 -1.97 3.80 -17.50
N PRO D 171 -0.69 4.11 -17.19
CA PRO D 171 0.39 3.36 -17.85
C PRO D 171 0.25 1.85 -17.76
N ARG D 172 -0.14 1.34 -16.59
CA ARG D 172 -0.24 -0.11 -16.46
C ARG D 172 -1.43 -0.72 -17.17
N ASP D 173 -2.37 0.09 -17.65
CA ASP D 173 -3.43 -0.43 -18.49
C ASP D 173 -2.98 -0.71 -19.92
N VAL D 174 -1.78 -0.27 -20.28
CA VAL D 174 -1.19 -0.75 -21.52
C VAL D 174 -0.40 -2.02 -21.25
N ASN D 175 -0.70 -3.09 -21.99
CA ASN D 175 0.13 -4.29 -21.95
C ASN D 175 0.75 -4.53 -23.31
N ALA D 176 1.95 -5.11 -23.29
CA ALA D 176 2.76 -5.25 -24.48
C ALA D 176 3.78 -6.36 -24.26
N HIS D 177 4.28 -6.90 -25.38
CA HIS D 177 5.21 -8.01 -25.36
C HIS D 177 6.42 -7.70 -26.23
N ILE D 178 7.59 -7.75 -25.59
CA ILE D 178 8.87 -7.66 -26.25
C ILE D 178 9.63 -8.93 -25.88
N VAL D 179 10.08 -9.67 -26.88
CA VAL D 179 10.63 -11.01 -26.68
C VAL D 179 11.95 -11.20 -27.40
N GLY D 180 12.53 -12.39 -27.24
CA GLY D 180 13.75 -12.78 -27.94
C GLY D 180 15.00 -12.50 -27.14
N ALA D 181 15.36 -11.22 -27.03
CA ALA D 181 16.55 -10.81 -26.30
C ALA D 181 16.35 -9.41 -25.75
N HIS D 182 17.06 -9.11 -24.66
CA HIS D 182 17.15 -7.78 -24.09
C HIS D 182 18.35 -7.08 -24.70
N GLY D 183 18.08 -6.09 -25.54
CA GLY D 183 19.12 -5.39 -26.28
C GLY D 183 18.58 -4.92 -27.62
N ASN D 184 19.49 -4.56 -28.52
CA ASN D 184 19.09 -3.94 -29.79
C ASN D 184 18.30 -4.86 -30.73
N LYS D 185 18.38 -6.17 -30.51
CA LYS D 185 17.60 -7.12 -31.32
C LYS D 185 16.26 -7.50 -30.67
N MET D 186 15.85 -6.78 -29.65
CA MET D 186 14.56 -7.05 -29.01
C MET D 186 13.45 -7.04 -30.06
N VAL D 187 12.49 -7.94 -29.90
CA VAL D 187 11.41 -8.12 -30.86
C VAL D 187 10.12 -7.52 -30.29
N LEU D 188 9.70 -6.38 -30.83
CA LEU D 188 8.49 -5.69 -30.40
C LEU D 188 7.31 -6.24 -31.18
N LEU D 189 6.29 -6.73 -30.48
CA LEU D 189 5.18 -7.44 -31.11
C LEU D 189 3.91 -6.58 -31.13
N LYS D 190 3.76 -5.80 -32.20
CA LYS D 190 2.61 -4.90 -32.34
C LYS D 190 1.27 -5.62 -32.14
N ARG D 191 1.20 -6.84 -32.63
CA ARG D 191 0.00 -7.68 -32.53
C ARG D 191 -0.44 -7.98 -31.07
N TYR D 192 0.51 -7.94 -30.14
CA TYR D 192 0.21 -8.26 -28.74
C TYR D 192 0.16 -7.02 -27.84
N ILE D 193 -0.14 -5.86 -28.40
CA ILE D 193 -0.31 -4.66 -27.58
C ILE D 193 -1.80 -4.49 -27.29
N THR D 194 -2.13 -4.30 -26.02
CA THR D 194 -3.51 -4.01 -25.63
C THR D 194 -3.56 -2.76 -24.76
N VAL D 195 -4.73 -2.12 -24.75
CA VAL D 195 -5.01 -0.95 -23.93
C VAL D 195 -6.30 -1.24 -23.15
N GLY D 196 -6.18 -1.38 -21.84
CA GLY D 196 -7.31 -1.85 -21.03
C GLY D 196 -7.82 -3.21 -21.50
N GLY D 197 -6.92 -4.03 -22.03
CA GLY D 197 -7.27 -5.34 -22.54
C GLY D 197 -7.80 -5.35 -23.98
N ILE D 198 -7.91 -4.17 -24.58
CA ILE D 198 -8.44 -3.99 -25.93
C ILE D 198 -7.27 -3.90 -26.93
N PRO D 199 -7.32 -4.65 -28.05
CA PRO D 199 -6.19 -4.58 -28.98
C PRO D 199 -5.89 -3.15 -29.42
N LEU D 200 -4.61 -2.81 -29.49
CA LEU D 200 -4.19 -1.48 -29.93
C LEU D 200 -4.73 -1.11 -31.31
N GLN D 201 -4.89 -2.12 -32.19
CA GLN D 201 -5.41 -1.87 -33.55
C GLN D 201 -6.74 -1.11 -33.56
N GLU D 202 -7.58 -1.32 -32.54
CA GLU D 202 -8.84 -0.60 -32.44
C GLU D 202 -8.59 0.91 -32.32
N PHE D 203 -7.54 1.28 -31.58
CA PHE D 203 -7.18 2.68 -31.36
C PHE D 203 -6.54 3.28 -32.61
N ILE D 204 -5.84 2.44 -33.37
CA ILE D 204 -5.26 2.84 -34.66
C ILE D 204 -6.39 3.06 -35.67
N ASN D 205 -7.30 2.10 -35.78
CA ASN D 205 -8.44 2.22 -36.70
C ASN D 205 -9.29 3.46 -36.41
N ASN D 206 -9.41 3.81 -35.14
CA ASN D 206 -10.09 4.99 -34.66
C ASN D 206 -9.32 6.30 -34.77
N LYS D 207 -8.12 6.23 -35.30
CA LYS D 207 -7.24 7.35 -35.47
C LYS D 207 -6.85 8.06 -34.18
N LEU D 208 -6.82 7.34 -33.06
CA LEU D 208 -6.32 7.87 -31.80
C LEU D 208 -4.82 7.81 -31.67
N ILE D 209 -4.23 6.94 -32.44
CA ILE D 209 -2.81 6.85 -32.59
C ILE D 209 -2.51 6.31 -34.00
N SER D 210 -1.44 6.79 -34.61
CA SER D 210 -1.12 6.37 -35.97
C SER D 210 -0.02 5.33 -35.98
N ASP D 211 0.12 4.66 -37.12
CA ASP D 211 1.18 3.68 -37.31
C ASP D 211 2.54 4.35 -37.28
N ALA D 212 2.60 5.58 -37.77
CA ALA D 212 3.83 6.38 -37.75
C ALA D 212 4.25 6.71 -36.32
N GLU D 213 3.30 7.18 -35.52
CA GLU D 213 3.52 7.41 -34.10
C GLU D 213 4.02 6.14 -33.38
N LEU D 214 3.39 5.02 -33.64
CA LEU D 214 3.77 3.77 -33.03
C LEU D 214 5.17 3.34 -33.43
N GLU D 215 5.50 3.49 -34.69
CA GLU D 215 6.85 3.21 -35.14
C GLU D 215 7.89 4.03 -34.38
N ALA D 216 7.63 5.31 -34.26
CA ALA D 216 8.49 6.22 -33.51
C ALA D 216 8.63 5.76 -32.05
N ILE D 217 7.51 5.33 -31.46
CA ILE D 217 7.51 4.81 -30.10
C ILE D 217 8.37 3.55 -30.02
N PHE D 218 8.23 2.66 -31.01
CA PHE D 218 9.06 1.45 -31.08
C PHE D 218 10.56 1.80 -31.12
N ASP D 219 10.93 2.73 -32.00
CA ASP D 219 12.31 3.18 -32.10
C ASP D 219 12.79 3.76 -30.76
N ARG D 220 11.94 4.56 -30.14
CA ARG D 220 12.29 5.19 -28.88
C ARG D 220 12.48 4.15 -27.78
N THR D 221 11.66 3.11 -27.80
CA THR D 221 11.77 2.01 -26.82
C THR D 221 13.12 1.30 -26.93
N VAL D 222 13.49 0.91 -28.15
CA VAL D 222 14.78 0.26 -28.39
C VAL D 222 15.95 1.14 -27.92
N ASN D 223 15.86 2.43 -28.16
CA ASN D 223 16.98 3.34 -27.88
C ASN D 223 16.89 4.09 -26.56
N THR D 224 16.00 3.68 -25.67
CA THR D 224 15.77 4.42 -24.43
C THR D 224 17.01 4.55 -23.55
N ALA D 225 17.76 3.46 -23.36
CA ALA D 225 18.98 3.51 -22.55
C ALA D 225 19.97 4.54 -23.12
N LEU D 226 20.15 4.48 -24.44
CA LEU D 226 21.00 5.44 -25.16
C LEU D 226 20.51 6.88 -24.98
N GLU D 227 19.20 7.09 -25.11
CA GLU D 227 18.60 8.42 -24.91
C GLU D 227 18.90 8.98 -23.52
N ILE D 228 18.75 8.14 -22.49
CA ILE D 228 19.00 8.55 -21.11
C ILE D 228 20.49 8.87 -20.90
N VAL D 229 21.37 8.02 -21.45
CA VAL D 229 22.81 8.28 -21.39
C VAL D 229 23.19 9.57 -22.13
N ASN D 230 22.62 9.81 -23.30
CA ASN D 230 22.85 11.07 -24.03
C ASN D 230 22.34 12.31 -23.29
N LEU D 231 21.44 12.12 -22.34
CA LEU D 231 20.99 13.21 -21.47
C LEU D 231 21.83 13.34 -20.19
N HIS D 232 23.02 12.76 -20.21
CA HIS D 232 23.94 12.81 -19.07
C HIS D 232 23.30 12.26 -17.80
N ALA D 233 22.49 11.22 -17.98
CA ALA D 233 21.94 10.45 -16.87
C ALA D 233 22.30 8.99 -17.10
N SER D 234 21.91 8.14 -16.15
CA SER D 234 22.20 6.72 -16.20
C SER D 234 20.92 5.96 -15.87
N PRO D 235 20.52 4.99 -16.72
CA PRO D 235 19.25 4.29 -16.43
C PRO D 235 19.41 3.22 -15.36
N TYR D 236 18.83 3.47 -14.20
CA TYR D 236 18.85 2.48 -13.13
C TYR D 236 17.58 2.40 -12.30
N VAL D 237 16.76 3.46 -12.31
CA VAL D 237 15.54 3.49 -11.48
C VAL D 237 14.52 2.50 -12.02
N ALA D 238 14.17 2.59 -13.30
CA ALA D 238 13.19 1.66 -13.88
C ALA D 238 13.73 0.22 -13.89
N PRO D 239 15.03 0.02 -14.24
CA PRO D 239 15.58 -1.36 -14.13
C PRO D 239 15.43 -1.95 -12.73
N ALA D 240 15.74 -1.15 -11.71
CA ALA D 240 15.54 -1.58 -10.33
C ALA D 240 14.07 -1.95 -10.04
N ALA D 241 13.14 -1.11 -10.46
CA ALA D 241 11.72 -1.36 -10.20
C ALA D 241 11.25 -2.63 -10.92
N ALA D 242 11.75 -2.85 -12.13
CA ALA D 242 11.41 -4.05 -12.88
C ALA D 242 11.87 -5.31 -12.15
N ILE D 243 13.11 -5.26 -11.63
CA ILE D 243 13.69 -6.41 -10.93
C ILE D 243 12.90 -6.72 -9.66
N ILE D 244 12.52 -5.68 -8.94
CA ILE D 244 11.74 -5.87 -7.72
C ILE D 244 10.34 -6.42 -8.03
N GLU D 245 9.73 -6.02 -9.15
CA GLU D 245 8.45 -6.60 -9.53
C GLU D 245 8.58 -8.11 -9.70
N MET D 246 9.68 -8.53 -10.33
CA MET D 246 9.96 -9.95 -10.54
C MET D 246 10.18 -10.68 -9.22
N ALA D 247 11.05 -10.11 -8.38
CA ALA D 247 11.39 -10.72 -7.10
C ALA D 247 10.16 -10.82 -6.20
N GLU D 248 9.31 -9.79 -6.24
CA GLU D 248 8.08 -9.77 -5.44
C GLU D 248 7.11 -10.89 -5.86
N SER D 249 6.96 -11.09 -7.17
CA SER D 249 6.04 -12.12 -7.66
C SER D 249 6.48 -13.51 -7.16
N TYR D 250 7.78 -13.74 -7.17
CA TYR D 250 8.37 -14.94 -6.59
C TYR D 250 8.10 -15.04 -5.09
N LEU D 251 8.50 -14.00 -4.34
CA LEU D 251 8.45 -14.05 -2.87
C LEU D 251 7.05 -14.12 -2.29
N LYS D 252 6.09 -13.48 -2.96
CA LYS D 252 4.71 -13.43 -2.48
C LYS D 252 3.81 -14.43 -3.20
N ASP D 253 4.40 -15.27 -4.06
CA ASP D 253 3.64 -16.24 -4.87
C ASP D 253 2.47 -15.61 -5.62
N LEU D 254 2.74 -14.51 -6.32
CA LEU D 254 1.69 -13.80 -7.04
C LEU D 254 1.31 -14.48 -8.36
N LYS D 255 2.24 -15.22 -8.96
CA LYS D 255 2.02 -15.88 -10.26
C LYS D 255 1.71 -14.86 -11.36
N LYS D 256 2.39 -13.73 -11.31
CA LYS D 256 2.30 -12.75 -12.39
C LYS D 256 2.90 -13.33 -13.68
N VAL D 257 2.31 -12.93 -14.80
CA VAL D 257 2.88 -13.18 -16.11
C VAL D 257 3.82 -12.03 -16.44
N LEU D 258 5.12 -12.33 -16.48
CA LEU D 258 6.16 -11.34 -16.66
C LEU D 258 7.14 -11.87 -17.71
N ILE D 259 7.62 -10.99 -18.60
CA ILE D 259 8.53 -11.41 -19.66
C ILE D 259 9.94 -11.35 -19.12
N CYS D 260 10.60 -12.51 -19.08
N CYS D 260 10.63 -12.49 -19.13
CA CYS D 260 11.97 -12.63 -18.57
CA CYS D 260 11.99 -12.57 -18.65
C CYS D 260 12.78 -13.56 -19.47
C CYS D 260 12.78 -13.54 -19.49
N SER D 261 14.10 -13.47 -19.37
CA SER D 261 14.99 -14.37 -20.10
C SER D 261 15.03 -15.69 -19.35
N THR D 262 14.70 -16.76 -20.06
CA THR D 262 14.58 -18.08 -19.46
C THR D 262 15.09 -19.15 -20.44
N LEU D 263 15.41 -20.33 -19.90
CA LEU D 263 15.93 -21.40 -20.74
C LEU D 263 14.87 -21.93 -21.70
N LEU D 264 15.18 -21.86 -23.00
CA LEU D 264 14.31 -22.40 -24.02
C LEU D 264 14.66 -23.87 -24.25
N GLU D 265 13.63 -24.71 -24.32
CA GLU D 265 13.79 -26.14 -24.52
C GLU D 265 12.87 -26.59 -25.65
N GLY D 266 12.97 -25.91 -26.79
CA GLY D 266 12.10 -26.21 -27.94
C GLY D 266 11.18 -25.07 -28.36
N GLN D 267 10.82 -24.19 -27.42
CA GLN D 267 9.91 -23.09 -27.73
C GLN D 267 10.55 -22.24 -28.80
N TYR D 268 9.72 -21.80 -29.74
CA TYR D 268 10.15 -20.98 -30.87
C TYR D 268 11.15 -21.71 -31.78
N GLY D 269 11.29 -23.02 -31.61
CA GLY D 269 12.25 -23.83 -32.36
C GLY D 269 13.69 -23.73 -31.87
N HIS D 270 13.88 -23.28 -30.62
CA HIS D 270 15.22 -23.04 -30.08
C HIS D 270 15.47 -23.84 -28.79
N SER D 271 16.72 -24.17 -28.54
CA SER D 271 17.09 -24.94 -27.36
C SER D 271 18.49 -24.62 -26.87
N ASP D 272 18.94 -24.98 -25.69
N ASP D 272 18.90 -24.97 -25.69
CA ASP D 272 20.30 -24.73 -25.26
CA ASP D 272 20.23 -24.68 -25.20
C ASP D 272 20.70 -23.27 -25.30
C ASP D 272 20.67 -23.24 -25.32
N ILE D 273 19.65 -22.39 -25.01
CA ILE D 273 19.83 -20.96 -25.06
C ILE D 273 18.75 -20.25 -24.21
N PHE D 274 19.05 -19.09 -23.65
CA PHE D 274 18.06 -18.32 -22.91
C PHE D 274 17.53 -17.22 -23.83
N GLY D 275 16.23 -16.98 -23.75
CA GLY D 275 15.62 -15.88 -24.48
C GLY D 275 14.41 -15.33 -23.75
N GLY D 276 14.03 -14.12 -24.14
CA GLY D 276 12.91 -13.42 -23.54
C GLY D 276 11.56 -13.97 -23.99
N THR D 277 10.75 -14.36 -23.02
CA THR D 277 9.41 -14.86 -23.29
C THR D 277 8.58 -14.68 -22.01
N PRO D 278 7.26 -14.55 -22.14
CA PRO D 278 6.45 -14.49 -20.93
C PRO D 278 6.54 -15.78 -20.11
N VAL D 279 6.70 -15.63 -18.79
CA VAL D 279 6.73 -16.75 -17.87
C VAL D 279 5.78 -16.43 -16.72
N VAL D 280 5.46 -17.44 -15.92
CA VAL D 280 4.70 -17.23 -14.69
C VAL D 280 5.63 -17.40 -13.51
N LEU D 281 5.76 -16.35 -12.70
CA LEU D 281 6.65 -16.38 -11.55
C LEU D 281 5.86 -16.51 -10.24
N GLY D 282 6.09 -17.62 -9.53
CA GLY D 282 5.48 -17.86 -8.23
C GLY D 282 6.46 -18.53 -7.28
N ALA D 283 5.95 -19.12 -6.20
CA ALA D 283 6.79 -19.68 -5.15
C ALA D 283 7.69 -20.81 -5.65
N ASN D 284 7.32 -21.44 -6.75
CA ASN D 284 8.20 -22.45 -7.39
C ASN D 284 9.08 -21.88 -8.50
N GLY D 285 9.32 -20.57 -8.47
CA GLY D 285 10.13 -19.91 -9.49
C GLY D 285 9.39 -19.79 -10.80
N VAL D 286 10.04 -20.18 -11.91
CA VAL D 286 9.40 -20.20 -13.21
C VAL D 286 8.43 -21.40 -13.23
N GLU D 287 7.16 -21.11 -12.98
CA GLU D 287 6.11 -22.13 -12.94
C GLU D 287 5.57 -22.54 -14.32
N GLN D 288 5.66 -21.62 -15.26
CA GLN D 288 5.26 -21.86 -16.62
C GLN D 288 6.08 -21.01 -17.58
N VAL D 289 6.31 -21.56 -18.75
CA VAL D 289 6.97 -20.84 -19.80
C VAL D 289 5.96 -20.75 -20.94
N ILE D 290 5.60 -19.55 -21.29
CA ILE D 290 4.58 -19.33 -22.26
C ILE D 290 5.17 -19.01 -23.62
N GLU D 291 4.85 -19.83 -24.58
CA GLU D 291 5.34 -19.65 -25.93
C GLU D 291 4.27 -18.93 -26.73
N LEU D 292 4.58 -17.72 -27.19
CA LEU D 292 3.66 -16.97 -27.99
C LEU D 292 3.54 -17.65 -29.36
N GLN D 293 2.32 -17.77 -29.86
CA GLN D 293 2.07 -18.38 -31.16
C GLN D 293 2.34 -17.33 -32.24
N LEU D 294 3.63 -17.13 -32.49
CA LEU D 294 4.12 -16.12 -33.41
C LEU D 294 3.91 -16.55 -34.85
N ASN D 295 3.69 -15.58 -35.74
CA ASN D 295 3.64 -15.86 -37.17
C ASN D 295 5.06 -15.96 -37.72
N SER D 296 5.18 -16.17 -39.04
N SER D 296 5.18 -16.18 -39.03
CA SER D 296 6.49 -16.34 -39.67
CA SER D 296 6.48 -16.34 -39.68
C SER D 296 7.35 -15.08 -39.62
C SER D 296 7.35 -15.09 -39.63
N GLU D 297 6.73 -13.91 -39.74
CA GLU D 297 7.46 -12.63 -39.72
C GLU D 297 8.04 -12.36 -38.33
N GLU D 298 7.23 -12.61 -37.30
CA GLU D 298 7.65 -12.42 -35.91
C GLU D 298 8.69 -13.47 -35.52
N LYS D 299 8.49 -14.70 -35.98
CA LYS D 299 9.46 -15.79 -35.75
C LYS D 299 10.85 -15.47 -36.30
N ALA D 300 10.89 -14.87 -37.48
CA ALA D 300 12.15 -14.53 -38.12
C ALA D 300 12.94 -13.52 -37.29
N LYS D 301 12.23 -12.53 -36.75
CA LYS D 301 12.88 -11.55 -35.86
C LYS D 301 13.37 -12.22 -34.59
N PHE D 302 12.56 -13.12 -34.03
CA PHE D 302 12.96 -13.87 -32.85
C PHE D 302 14.26 -14.61 -33.13
N ASP D 303 14.35 -15.26 -34.30
CA ASP D 303 15.56 -15.98 -34.72
C ASP D 303 16.80 -15.08 -34.78
N GLU D 304 16.64 -13.84 -35.25
CA GLU D 304 17.75 -12.91 -35.31
C GLU D 304 18.25 -12.58 -33.90
N ALA D 305 17.33 -12.44 -32.96
CA ALA D 305 17.69 -12.15 -31.57
C ALA D 305 18.51 -13.28 -30.95
N ILE D 306 18.06 -14.52 -31.18
CA ILE D 306 18.73 -15.70 -30.65
C ILE D 306 20.12 -15.89 -31.28
N ALA D 307 20.20 -15.62 -32.58
CA ALA D 307 21.48 -15.69 -33.32
C ALA D 307 22.52 -14.75 -32.73
N GLU D 308 22.07 -13.54 -32.36
CA GLU D 308 22.96 -12.56 -31.75
C GLU D 308 23.40 -12.98 -30.34
N THR D 309 22.47 -13.53 -29.57
CA THR D 309 22.79 -14.09 -28.26
C THR D 309 23.84 -15.21 -28.39
N LYS D 310 23.65 -16.09 -29.36
CA LYS D 310 24.63 -17.16 -29.61
C LYS D 310 26.00 -16.63 -30.02
N ARG D 311 26.01 -15.60 -30.87
CA ARG D 311 27.26 -14.97 -31.31
C ARG D 311 28.05 -14.45 -30.11
N MET D 312 27.36 -13.74 -29.22
CA MET D 312 28.03 -13.18 -28.06
C MET D 312 28.44 -14.23 -27.03
N LYS D 313 27.65 -15.29 -26.91
CA LYS D 313 27.99 -16.38 -25.99
C LYS D 313 29.29 -17.08 -26.42
N ALA D 314 29.48 -17.25 -27.72
CA ALA D 314 30.72 -17.83 -28.25
C ALA D 314 31.94 -16.98 -27.92
N LEU D 315 31.79 -15.65 -27.95
CA LEU D 315 32.87 -14.76 -27.53
C LEU D 315 33.13 -14.82 -26.02
N ALA D 316 32.10 -15.16 -25.24
CA ALA D 316 32.20 -15.21 -23.78
C ALA D 316 32.86 -16.48 -23.29
N HIS D 317 32.59 -17.62 -23.92
CA HIS D 317 33.07 -18.90 -23.42
C HIS D 317 34.59 -19.00 -23.42
N HIS D 318 35.12 -19.67 -22.40
CA HIS D 318 36.56 -19.86 -22.22
C HIS D 318 37.00 -21.26 -22.62
#